data_9B3H
#
_entry.id   9B3H
#
_cell.length_a   1.00
_cell.length_b   1.00
_cell.length_c   1.00
_cell.angle_alpha   90.00
_cell.angle_beta   90.00
_cell.angle_gamma   90.00
#
_symmetry.space_group_name_H-M   'P 1'
#
loop_
_entity.id
_entity.type
_entity.pdbx_description
1 polymer 'Complement factor I'
2 polymer 'Pasteurella multocida factor I binding protein, fIbp'
3 branched 2-acetamido-2-deoxy-beta-D-glucopyranose-(1-4)-2-acetamido-2-deoxy-beta-D-glucopyranose
4 non-polymer 2-acetamido-2-deoxy-beta-D-glucopyranose
#
loop_
_entity_poly.entity_id
_entity_poly.type
_entity_poly.pdbx_seq_one_letter_code
_entity_poly.pdbx_strand_id
1 'polypeptide(L)'
;EDNFRKRGKSKAVKKSEAHHAPEASLSKETEASSEVKPTSTQDTSQKDFVDKKCLTEKHTHLSCNKVFCQPWQKCIDGTC
LCKLPYQCPKNGTRVCSTNGKSYSTYCQQKSFECYRPEAKFLKSGACTGGGQFSVSLSNGKQDSEGIVAVKLADLDTKMF
VCGDSWSITEANVACIDRGFQLGALDTHRRDPDPNSAECLHVRCRGLETSLAECTFTKGVHNSEGLAGVVCYTESAAPPK
KDSFQCVNGKRIPQKKACDGVNDCVDKSDELCCKDCRGEGFLCKSGVCIPKQYKCNGELDCITGEDEVGCEETGHPEIKE
AAEMLTADMDAERKFTKSFLPKLSCGVKNNMHIRRKRVVGGKPAKMGEFPWQMAIKEGDKIHCGGIYIGGCWILTAAHCV
RISRMHRYQIWTSFTDWLRPGFQTVVHSVNRIIIHENYNGTTYQNDIALIEMKKRPNEKECVLSKSIPACVPWSPYLFQP
NDKCIVSGWGREKDNQKVYSLRWGEVHLINNCSEFYPGRYFEKEMQCAGTDDGSIDACKGDSGGPLVCQDVNNVTYVWGV
VSWGENCGKSEFPGVYTKVANYFDWISQHVGRSLISQHNI
;
A
2 'polypeptide(L)'
;MEKRTVTIPQAQKVAEKPALTIQTVVTSPTTPIKAPSLAPTIDTAPKQNPVPTAQITATLPAEPVKVPVLIPEVNKTLLE
TSTNPVKDSYNKDAVFTYELIANPDADYSDQKLILKKEISYIKLNLGINQDNKNAPSYIFNLLDDNVYYGFYRDTQDMNR
IENKYTYAFKKEAENFDNLQKFNATYEGQFWFSSIDTPNVPTVARAFLTYNNGRVDGEILAKHWNEKLFQITGFDNNPRK
VEIFPTVEYLPNSGTRLTKGATSPHRFQMDLHFINSTNGEKNKYLVGQGSTEQYWGVLGMEKKQELALVPR
;
B
#
loop_
_chem_comp.id
_chem_comp.type
_chem_comp.name
_chem_comp.formula
NAG D-saccharide, beta linking 2-acetamido-2-deoxy-beta-D-glucopyranose 'C8 H15 N O6'
#
# COMPACT_ATOMS: atom_id res chain seq x y z
N ASP A 48 -4.08 -20.48 31.37
CA ASP A 48 -3.83 -21.04 30.06
C ASP A 48 -3.23 -19.99 29.12
N PHE A 49 -1.92 -20.05 28.93
CA PHE A 49 -1.23 -19.09 28.09
C PHE A 49 -1.27 -19.46 26.61
N VAL A 50 -1.71 -20.66 26.27
CA VAL A 50 -1.68 -21.16 24.90
C VAL A 50 -3.07 -21.02 24.30
N ASP A 51 -3.13 -20.50 23.07
CA ASP A 51 -4.40 -20.38 22.35
C ASP A 51 -4.68 -21.71 21.67
N LYS A 52 -5.73 -22.40 22.10
CA LYS A 52 -6.06 -23.71 21.54
C LYS A 52 -6.46 -23.60 20.08
N LYS A 53 -7.20 -22.54 19.72
CA LYS A 53 -7.69 -22.42 18.35
C LYS A 53 -6.55 -22.27 17.36
N CYS A 54 -5.54 -21.46 17.69
CA CYS A 54 -4.46 -21.21 16.74
C CYS A 54 -3.61 -22.46 16.53
N LEU A 55 -3.50 -23.32 17.55
CA LEU A 55 -2.63 -24.49 17.44
C LEU A 55 -3.06 -25.42 16.32
N THR A 56 -4.36 -25.43 16.00
CA THR A 56 -4.84 -26.27 14.89
C THR A 56 -4.25 -25.84 13.56
N GLU A 57 -3.82 -24.59 13.43
CA GLU A 57 -3.21 -24.11 12.19
C GLU A 57 -1.76 -24.57 12.04
N LYS A 58 -1.16 -25.11 13.09
CA LYS A 58 0.20 -25.66 13.09
C LYS A 58 1.20 -24.71 12.41
N HIS A 59 1.15 -23.45 12.82
CA HIS A 59 2.10 -22.46 12.33
C HIS A 59 3.53 -22.84 12.69
N THR A 60 4.45 -22.57 11.77
CA THR A 60 5.87 -22.83 11.97
C THR A 60 6.66 -21.54 11.74
N HIS A 61 7.97 -21.64 11.87
CA HIS A 61 8.82 -20.48 11.62
C HIS A 61 8.82 -20.06 10.17
N LEU A 62 8.36 -20.92 9.26
CA LEU A 62 8.22 -20.58 7.86
C LEU A 62 6.90 -19.92 7.53
N SER A 63 5.96 -19.88 8.48
CA SER A 63 4.66 -19.26 8.25
C SER A 63 4.82 -17.75 8.26
N CYS A 64 4.92 -17.16 7.07
CA CYS A 64 5.11 -15.71 6.95
C CYS A 64 3.90 -14.92 7.42
N ASN A 65 2.74 -15.57 7.59
CA ASN A 65 1.60 -14.88 8.18
C ASN A 65 1.77 -14.65 9.68
N LYS A 66 2.73 -15.32 10.31
CA LYS A 66 2.94 -15.19 11.74
C LYS A 66 4.33 -14.70 12.13
N VAL A 67 5.33 -14.82 11.25
CA VAL A 67 6.69 -14.39 11.56
C VAL A 67 7.35 -13.91 10.28
N PHE A 68 8.15 -12.85 10.38
CA PHE A 68 8.84 -12.34 9.22
C PHE A 68 9.80 -13.37 8.65
N CYS A 69 9.85 -13.46 7.32
CA CYS A 69 10.78 -14.36 6.65
C CYS A 69 12.21 -13.85 6.79
N GLN A 70 13.15 -14.78 6.65
CA GLN A 70 14.55 -14.42 6.62
C GLN A 70 14.88 -13.67 5.34
N PRO A 71 15.98 -12.91 5.33
CA PRO A 71 16.34 -12.15 4.11
C PRO A 71 16.52 -13.01 2.88
N TRP A 72 16.88 -14.29 3.04
CA TRP A 72 17.09 -15.18 1.92
C TRP A 72 15.85 -15.99 1.56
N GLN A 73 14.68 -15.62 2.08
CA GLN A 73 13.44 -16.29 1.71
C GLN A 73 12.42 -15.26 1.24
N LYS A 74 11.30 -15.79 0.72
CA LYS A 74 10.21 -14.99 0.19
C LYS A 74 8.90 -15.64 0.63
N CYS A 75 7.92 -14.81 0.99
CA CYS A 75 6.64 -15.31 1.47
C CYS A 75 5.70 -15.52 0.28
N ILE A 76 5.35 -16.78 0.01
CA ILE A 76 4.42 -17.13 -1.05
C ILE A 76 3.46 -18.20 -0.54
N ASP A 77 2.16 -18.01 -0.80
CA ASP A 77 1.09 -18.88 -0.32
C ASP A 77 1.26 -19.09 1.19
N GLY A 78 1.46 -17.98 1.89
CA GLY A 78 1.51 -18.03 3.35
C GLY A 78 2.68 -18.79 3.93
N THR A 79 3.69 -19.09 3.13
CA THR A 79 4.87 -19.82 3.59
C THR A 79 6.13 -19.12 3.08
N CYS A 80 7.13 -19.02 3.94
CA CYS A 80 8.40 -18.44 3.52
C CYS A 80 9.10 -19.43 2.59
N LEU A 81 9.28 -19.04 1.34
CA LEU A 81 10.00 -19.84 0.37
C LEU A 81 11.36 -19.22 0.12
N CYS A 82 12.38 -20.07 0.09
CA CYS A 82 13.76 -19.59 0.00
C CYS A 82 14.04 -18.94 -1.35
N LYS A 83 14.74 -17.82 -1.31
CA LYS A 83 15.13 -17.12 -2.52
C LYS A 83 16.20 -17.90 -3.27
N LEU A 84 16.38 -17.53 -4.53
CA LEU A 84 17.48 -18.02 -5.34
C LEU A 84 18.75 -17.26 -5.01
N PRO A 85 19.90 -17.92 -4.97
CA PRO A 85 21.16 -17.21 -4.66
C PRO A 85 21.34 -15.96 -5.49
N TYR A 86 20.84 -15.95 -6.73
CA TYR A 86 20.80 -14.75 -7.53
C TYR A 86 20.01 -13.64 -6.82
N GLN A 87 18.92 -14.00 -6.16
CA GLN A 87 18.01 -13.01 -5.58
C GLN A 87 18.61 -12.24 -4.42
N CYS A 88 19.74 -12.67 -3.86
CA CYS A 88 20.35 -11.96 -2.75
C CYS A 88 20.80 -10.56 -3.16
N PRO A 89 20.78 -9.62 -2.22
CA PRO A 89 21.55 -8.37 -2.41
C PRO A 89 23.02 -8.66 -2.55
N LYS A 90 23.69 -7.89 -3.42
CA LYS A 90 25.08 -8.16 -3.74
C LYS A 90 26.06 -7.66 -2.67
N ASN A 91 25.59 -6.91 -1.68
CA ASN A 91 26.44 -6.43 -0.61
C ASN A 91 26.50 -7.47 0.51
N GLY A 92 27.71 -7.84 0.89
CA GLY A 92 27.89 -8.83 1.93
C GLY A 92 29.35 -9.19 2.09
N THR A 93 29.58 -10.29 2.79
CA THR A 93 30.91 -10.80 3.05
C THR A 93 31.04 -12.22 2.51
N ARG A 94 32.19 -12.52 1.93
CA ARG A 94 32.43 -13.84 1.38
C ARG A 94 32.57 -14.87 2.49
N VAL A 95 32.05 -16.08 2.24
CA VAL A 95 32.01 -17.13 3.25
C VAL A 95 32.24 -18.47 2.56
N CYS A 96 32.48 -19.50 3.36
CA CYS A 96 32.67 -20.86 2.87
C CYS A 96 31.74 -21.83 3.58
N SER A 97 31.30 -22.84 2.85
CA SER A 97 30.49 -23.92 3.37
C SER A 97 31.36 -25.13 3.69
N THR A 98 30.76 -26.10 4.38
CA THR A 98 31.46 -27.35 4.68
C THR A 98 31.79 -28.12 3.41
N ASN A 99 31.10 -27.84 2.30
CA ASN A 99 31.38 -28.50 1.03
C ASN A 99 32.58 -27.89 0.30
N GLY A 100 33.14 -26.80 0.80
CA GLY A 100 34.33 -26.22 0.21
C GLY A 100 34.11 -25.20 -0.89
N LYS A 101 32.88 -24.77 -1.11
CA LYS A 101 32.58 -23.77 -2.13
C LYS A 101 32.43 -22.39 -1.49
N SER A 102 32.96 -21.38 -2.17
CA SER A 102 32.88 -20.00 -1.68
C SER A 102 31.65 -19.32 -2.25
N TYR A 103 31.03 -18.47 -1.43
CA TYR A 103 29.85 -17.72 -1.84
C TYR A 103 30.06 -16.25 -1.55
N SER A 104 29.46 -15.40 -2.38
CA SER A 104 29.68 -13.96 -2.28
C SER A 104 29.11 -13.40 -0.98
N THR A 105 27.90 -13.79 -0.63
CA THR A 105 27.22 -13.26 0.54
C THR A 105 26.75 -14.41 1.44
N TYR A 106 26.53 -14.06 2.71
CA TYR A 106 26.05 -15.04 3.69
C TYR A 106 24.68 -15.58 3.30
N CYS A 107 23.79 -14.71 2.82
CA CYS A 107 22.45 -15.16 2.44
C CYS A 107 22.47 -16.11 1.26
N GLN A 108 23.46 -15.99 0.37
CA GLN A 108 23.60 -16.97 -0.70
C GLN A 108 23.88 -18.36 -0.13
N GLN A 109 24.80 -18.43 0.85
CA GLN A 109 25.07 -19.69 1.51
C GLN A 109 23.82 -20.20 2.22
N LYS A 110 23.05 -19.31 2.84
CA LYS A 110 21.84 -19.75 3.52
C LYS A 110 20.81 -20.30 2.53
N SER A 111 20.69 -19.68 1.36
CA SER A 111 19.78 -20.22 0.35
C SER A 111 20.23 -21.60 -0.11
N PHE A 112 21.53 -21.76 -0.32
CA PHE A 112 22.05 -23.07 -0.69
C PHE A 112 21.80 -24.08 0.42
N GLU A 113 21.90 -23.64 1.67
CA GLU A 113 21.47 -24.46 2.80
C GLU A 113 20.03 -24.90 2.64
N CYS A 114 19.16 -23.94 2.31
CA CYS A 114 17.73 -24.23 2.19
C CYS A 114 17.43 -25.19 1.06
N TYR A 115 18.30 -25.28 0.06
CA TYR A 115 18.10 -26.32 -0.94
C TYR A 115 18.88 -27.59 -0.60
N ARG A 116 20.15 -27.45 -0.26
CA ARG A 116 20.96 -28.62 0.06
C ARG A 116 21.33 -28.61 1.53
N PRO A 117 20.73 -29.47 2.35
CA PRO A 117 21.05 -29.47 3.79
C PRO A 117 22.50 -29.78 4.11
N GLU A 118 23.18 -30.58 3.27
CA GLU A 118 24.55 -30.97 3.59
C GLU A 118 25.55 -29.84 3.41
N ALA A 119 25.16 -28.74 2.77
CA ALA A 119 26.07 -27.63 2.50
C ALA A 119 25.92 -26.63 3.63
N LYS A 120 26.50 -26.97 4.78
CA LYS A 120 26.43 -26.12 5.97
C LYS A 120 27.57 -25.11 6.02
N PHE A 121 27.24 -23.95 6.59
CA PHE A 121 28.21 -22.86 6.73
C PHE A 121 29.37 -23.29 7.63
N LEU A 122 30.59 -22.93 7.22
CA LEU A 122 31.78 -23.37 7.92
C LEU A 122 32.55 -22.22 8.56
N LYS A 123 32.91 -21.20 7.79
CA LYS A 123 33.60 -20.04 8.33
C LYS A 123 33.44 -18.88 7.38
N SER A 124 33.76 -17.68 7.87
CA SER A 124 33.68 -16.48 7.06
C SER A 124 34.98 -16.26 6.31
N GLY A 125 34.96 -15.28 5.41
CA GLY A 125 36.13 -14.96 4.62
C GLY A 125 36.36 -15.99 3.54
N ALA A 126 37.54 -15.89 2.91
CA ALA A 126 37.90 -16.85 1.88
C ALA A 126 38.27 -18.19 2.52
N CYS A 127 38.18 -19.25 1.71
CA CYS A 127 38.50 -20.59 2.19
C CYS A 127 40.00 -20.85 2.18
N THR A 128 40.77 -19.90 2.74
CA THR A 128 42.22 -20.04 2.75
C THR A 128 42.66 -21.31 3.48
N GLY A 129 42.07 -21.55 4.65
CA GLY A 129 42.38 -22.73 5.44
C GLY A 129 41.31 -23.80 5.31
N GLY A 130 41.72 -25.04 5.52
CA GLY A 130 40.83 -26.17 5.44
C GLY A 130 40.31 -26.67 6.77
N GLY A 131 40.56 -25.93 7.85
CA GLY A 131 40.11 -26.31 9.18
C GLY A 131 38.60 -26.54 9.26
N GLN A 132 38.19 -27.65 9.85
CA GLN A 132 36.78 -27.98 9.93
C GLN A 132 36.19 -27.48 11.24
N PHE A 133 34.85 -27.42 11.28
CA PHE A 133 34.10 -27.03 12.47
C PHE A 133 33.34 -28.23 12.99
N SER A 134 33.75 -28.76 14.14
CA SER A 134 33.11 -29.92 14.72
C SER A 134 32.76 -29.66 16.18
N VAL A 135 31.76 -30.39 16.66
CA VAL A 135 31.35 -30.35 18.06
C VAL A 135 31.44 -31.77 18.61
N SER A 136 31.75 -31.87 19.91
CA SER A 136 31.91 -33.17 20.54
C SER A 136 31.29 -33.17 21.92
N LEU A 137 30.86 -34.35 22.35
CA LEU A 137 30.35 -34.57 23.70
C LEU A 137 31.25 -35.57 24.41
N SER A 138 31.68 -35.22 25.62
CA SER A 138 32.51 -36.10 26.44
C SER A 138 31.90 -36.21 27.83
N ASN A 139 32.38 -37.19 28.58
CA ASN A 139 31.91 -37.46 29.93
C ASN A 139 30.39 -37.60 29.97
N GLY A 140 29.87 -38.40 29.04
CA GLY A 140 28.45 -38.64 28.94
C GLY A 140 28.10 -40.10 28.83
N LYS A 141 27.15 -40.56 29.66
CA LYS A 141 26.77 -41.97 29.65
C LYS A 141 26.25 -42.39 28.28
N GLN A 142 25.39 -41.57 27.69
CA GLN A 142 24.79 -41.84 26.39
C GLN A 142 25.33 -40.86 25.36
N ASP A 143 25.53 -41.36 24.13
CA ASP A 143 26.03 -40.52 23.05
C ASP A 143 25.20 -39.27 22.85
N SER A 144 23.96 -39.25 23.33
CA SER A 144 23.09 -38.09 23.17
C SER A 144 23.43 -36.98 24.16
N GLU A 145 24.08 -37.31 25.27
CA GLU A 145 24.40 -36.36 26.32
C GLU A 145 25.92 -36.26 26.46
N GLY A 146 26.36 -35.25 27.21
CA GLY A 146 27.77 -35.07 27.46
C GLY A 146 28.20 -33.62 27.53
N ILE A 147 29.43 -33.38 27.99
CA ILE A 147 29.95 -32.02 28.06
C ILE A 147 30.09 -31.46 26.66
N VAL A 148 29.65 -30.22 26.46
CA VAL A 148 29.71 -29.60 25.15
C VAL A 148 31.11 -29.08 24.92
N ALA A 149 31.78 -29.59 23.89
CA ALA A 149 33.08 -29.12 23.49
C ALA A 149 33.05 -28.78 22.00
N VAL A 150 33.63 -27.64 21.65
CA VAL A 150 33.57 -27.13 20.29
C VAL A 150 35.00 -26.91 19.78
N LYS A 151 35.24 -27.35 18.54
CA LYS A 151 36.50 -27.14 17.86
C LYS A 151 36.26 -26.12 16.76
N LEU A 152 36.79 -24.91 16.95
CA LEU A 152 36.58 -23.84 15.98
C LEU A 152 37.32 -24.14 14.68
N ALA A 153 36.86 -23.51 13.60
CA ALA A 153 37.48 -23.71 12.31
C ALA A 153 38.91 -23.21 12.29
N ASP A 154 39.17 -22.08 12.94
CA ASP A 154 40.49 -21.46 12.95
C ASP A 154 41.34 -21.88 14.14
N LEU A 155 40.85 -22.77 14.99
CA LEU A 155 41.61 -23.24 16.13
C LEU A 155 41.71 -24.76 16.09
N ASP A 156 42.90 -25.27 16.37
CA ASP A 156 43.19 -26.69 16.26
C ASP A 156 42.98 -27.48 17.55
N THR A 157 42.57 -26.82 18.62
CA THR A 157 42.41 -27.47 19.92
C THR A 157 40.93 -27.49 20.30
N LYS A 158 40.41 -28.69 20.57
CA LYS A 158 39.07 -28.82 21.10
C LYS A 158 39.03 -28.38 22.56
N MET A 159 38.12 -27.47 22.87
CA MET A 159 38.06 -26.86 24.19
C MET A 159 36.62 -26.47 24.52
N PHE A 160 36.30 -26.45 25.81
CA PHE A 160 34.93 -26.38 26.30
C PHE A 160 34.31 -25.00 26.15
N VAL A 161 33.01 -24.94 26.42
CA VAL A 161 32.19 -23.75 26.29
C VAL A 161 31.66 -23.37 27.67
N CYS A 162 31.55 -22.06 27.94
CA CYS A 162 31.06 -21.59 29.23
C CYS A 162 29.60 -21.97 29.44
N GLY A 163 29.24 -22.19 30.70
CA GLY A 163 27.89 -22.58 31.06
C GLY A 163 26.96 -21.44 31.45
N ASP A 164 27.52 -20.28 31.81
CA ASP A 164 26.69 -19.18 32.32
C ASP A 164 25.74 -18.66 31.24
N SER A 165 26.23 -18.48 30.01
CA SER A 165 25.42 -17.97 28.92
C SER A 165 24.79 -19.08 28.09
N TRP A 166 24.50 -20.22 28.70
CA TRP A 166 24.04 -21.40 28.00
C TRP A 166 22.53 -21.53 28.19
N SER A 167 21.80 -21.62 27.08
CA SER A 167 20.35 -21.72 27.09
C SER A 167 19.93 -22.89 26.21
N ILE A 168 18.62 -23.14 26.17
CA ILE A 168 18.11 -24.25 25.37
C ILE A 168 18.19 -23.94 23.88
N THR A 169 18.31 -22.67 23.52
CA THR A 169 18.53 -22.33 22.11
C THR A 169 19.88 -22.83 21.62
N GLU A 170 20.94 -22.53 22.38
CA GLU A 170 22.27 -23.02 22.01
C GLU A 170 22.33 -24.53 22.08
N ALA A 171 21.64 -25.14 23.05
CA ALA A 171 21.58 -26.60 23.11
C ALA A 171 20.91 -27.19 21.88
N ASN A 172 19.81 -26.57 21.45
CA ASN A 172 19.13 -27.02 20.24
C ASN A 172 20.05 -26.92 19.03
N VAL A 173 20.76 -25.80 18.91
CA VAL A 173 21.66 -25.61 17.77
C VAL A 173 22.80 -26.63 17.82
N ALA A 174 23.33 -26.90 19.01
CA ALA A 174 24.40 -27.89 19.15
C ALA A 174 23.91 -29.27 18.74
N CYS A 175 22.70 -29.64 19.16
CA CYS A 175 22.20 -30.98 18.85
C CYS A 175 21.87 -31.12 17.37
N ILE A 176 21.32 -30.07 16.75
CA ILE A 176 21.05 -30.16 15.32
C ILE A 176 22.37 -30.20 14.54
N ASP A 177 23.41 -29.54 15.05
CA ASP A 177 24.72 -29.64 14.41
C ASP A 177 25.28 -31.05 14.48
N ARG A 178 25.02 -31.77 15.58
CA ARG A 178 25.53 -33.13 15.72
C ARG A 178 24.78 -34.13 14.86
N GLY A 179 23.68 -33.74 14.23
CA GLY A 179 22.91 -34.61 13.38
C GLY A 179 21.54 -34.95 13.91
N PHE A 180 21.29 -34.71 15.20
CA PHE A 180 19.97 -34.95 15.77
C PHE A 180 19.00 -33.92 15.21
N GLN A 181 18.12 -34.36 14.31
CA GLN A 181 17.24 -33.44 13.60
C GLN A 181 16.23 -32.81 14.54
N LEU A 182 15.82 -33.53 15.58
CA LEU A 182 14.81 -33.08 16.51
C LEU A 182 15.38 -32.24 17.65
N GLY A 183 16.68 -31.96 17.63
CA GLY A 183 17.27 -30.99 18.54
C GLY A 183 17.56 -31.54 19.92
N ALA A 184 17.55 -30.64 20.90
CA ALA A 184 17.96 -30.94 22.26
C ALA A 184 16.76 -31.22 23.14
N LEU A 185 17.03 -31.74 24.34
CA LEU A 185 16.01 -32.04 25.32
C LEU A 185 16.06 -31.15 26.55
N ASP A 186 17.25 -30.90 27.10
CA ASP A 186 17.37 -30.15 28.34
C ASP A 186 18.77 -29.54 28.40
N THR A 187 19.03 -28.81 29.49
CA THR A 187 20.29 -28.13 29.71
C THR A 187 20.81 -28.42 31.11
N HIS A 188 22.14 -28.44 31.25
CA HIS A 188 22.78 -28.65 32.54
C HIS A 188 24.03 -27.79 32.63
N ARG A 189 24.33 -27.35 33.84
CA ARG A 189 25.59 -26.67 34.15
C ARG A 189 26.39 -27.56 35.11
N ARG A 190 27.52 -28.06 34.62
CA ARG A 190 28.41 -28.87 35.42
C ARG A 190 29.61 -28.05 35.90
N ASP A 191 30.35 -28.62 36.85
CA ASP A 191 31.51 -27.94 37.40
C ASP A 191 32.59 -27.75 36.34
N PRO A 192 33.37 -26.68 36.43
CA PRO A 192 34.41 -26.44 35.44
C PRO A 192 35.66 -27.28 35.71
N ASP A 193 36.40 -27.53 34.64
CA ASP A 193 37.69 -28.22 34.78
C ASP A 193 38.70 -27.29 35.44
N PRO A 194 39.27 -27.67 36.58
CA PRO A 194 40.26 -26.77 37.23
C PRO A 194 41.47 -26.50 36.36
N ASN A 195 41.82 -27.42 35.46
CA ASN A 195 42.96 -27.24 34.58
C ASN A 195 42.67 -26.33 33.40
N SER A 196 41.41 -25.98 33.17
CA SER A 196 41.03 -25.11 32.06
C SER A 196 40.44 -23.82 32.64
N ALA A 197 41.01 -22.69 32.23
CA ALA A 197 40.56 -21.38 32.71
C ALA A 197 39.90 -20.54 31.63
N GLU A 198 39.81 -21.04 30.40
CA GLU A 198 39.28 -20.29 29.28
C GLU A 198 38.12 -21.05 28.65
N CYS A 199 37.11 -20.30 28.20
CA CYS A 199 35.93 -20.87 27.57
C CYS A 199 35.28 -19.78 26.72
N LEU A 200 34.32 -20.18 25.90
CA LEU A 200 33.66 -19.27 24.97
C LEU A 200 32.23 -19.03 25.41
N HIS A 201 31.79 -17.78 25.39
CA HIS A 201 30.38 -17.47 25.51
C HIS A 201 29.79 -17.46 24.10
N VAL A 202 28.65 -18.11 23.94
CA VAL A 202 28.04 -18.31 22.63
C VAL A 202 26.63 -17.72 22.64
N ARG A 203 26.28 -17.06 21.54
CA ARG A 203 24.96 -16.46 21.37
C ARG A 203 24.38 -16.93 20.05
N CYS A 204 23.18 -17.51 20.09
CA CYS A 204 22.51 -18.01 18.90
C CYS A 204 21.11 -17.45 18.80
N ARG A 205 20.67 -17.20 17.56
CA ARG A 205 19.33 -16.67 17.34
C ARG A 205 18.28 -17.73 17.61
N GLY A 206 18.56 -18.99 17.25
CA GLY A 206 17.62 -20.09 17.39
C GLY A 206 17.19 -20.72 16.09
N LEU A 207 17.50 -20.12 14.93
CA LEU A 207 17.15 -20.68 13.65
C LEU A 207 18.35 -21.16 12.86
N GLU A 208 19.56 -20.97 13.38
CA GLU A 208 20.75 -21.35 12.64
C GLU A 208 20.89 -22.87 12.57
N THR A 209 21.61 -23.33 11.56
CA THR A 209 21.80 -24.76 11.34
C THR A 209 23.10 -25.29 11.94
N SER A 210 24.04 -24.41 12.27
CA SER A 210 25.31 -24.82 12.86
C SER A 210 25.81 -23.72 13.77
N LEU A 211 26.65 -24.10 14.73
CA LEU A 211 27.18 -23.14 15.68
C LEU A 211 28.07 -22.11 15.00
N ALA A 212 28.63 -22.42 13.83
CA ALA A 212 29.46 -21.46 13.13
C ALA A 212 28.67 -20.20 12.79
N GLU A 213 27.36 -20.32 12.60
CA GLU A 213 26.52 -19.15 12.40
C GLU A 213 26.36 -18.34 13.68
N CYS A 214 26.57 -18.96 14.84
CA CYS A 214 26.45 -18.27 16.12
C CYS A 214 27.69 -17.42 16.38
N THR A 215 27.56 -16.54 17.37
CA THR A 215 28.63 -15.64 17.77
C THR A 215 29.37 -16.21 18.96
N PHE A 216 30.70 -16.24 18.87
CA PHE A 216 31.55 -16.73 19.94
C PHE A 216 32.41 -15.60 20.49
N THR A 217 32.50 -15.53 21.82
CA THR A 217 33.26 -14.48 22.49
C THR A 217 34.21 -15.11 23.49
N LYS A 218 35.33 -14.43 23.74
CA LYS A 218 36.30 -14.89 24.71
C LYS A 218 35.72 -14.76 26.11
N GLY A 219 35.84 -15.84 26.90
CA GLY A 219 35.31 -15.85 28.25
C GLY A 219 36.25 -16.58 29.19
N VAL A 220 35.97 -16.43 30.48
CA VAL A 220 36.77 -17.03 31.54
C VAL A 220 35.89 -17.96 32.37
N HIS A 221 36.47 -19.08 32.79
CA HIS A 221 35.78 -20.01 33.68
C HIS A 221 35.38 -19.32 34.97
N ASN A 222 34.07 -19.20 35.18
CA ASN A 222 33.52 -18.56 36.37
C ASN A 222 32.73 -19.58 37.19
N SER A 223 32.05 -19.09 38.23
CA SER A 223 31.39 -19.97 39.18
C SER A 223 30.28 -20.81 38.54
N GLU A 224 29.74 -20.36 37.40
CA GLU A 224 28.68 -21.12 36.74
C GLU A 224 29.18 -22.38 36.05
N GLY A 225 30.50 -22.54 35.92
CA GLY A 225 31.00 -23.78 35.35
C GLY A 225 30.81 -23.86 33.85
N LEU A 226 30.92 -25.08 33.35
CA LEU A 226 30.80 -25.37 31.92
C LEU A 226 29.40 -25.87 31.59
N ALA A 227 29.07 -25.84 30.31
CA ALA A 227 27.73 -26.17 29.84
C ALA A 227 27.62 -27.65 29.48
N GLY A 228 26.43 -28.20 29.75
CA GLY A 228 26.13 -29.57 29.37
C GLY A 228 24.83 -29.61 28.60
N VAL A 229 24.62 -30.74 27.91
CA VAL A 229 23.46 -30.90 27.05
C VAL A 229 23.04 -32.36 27.02
N VAL A 230 21.75 -32.60 26.81
CA VAL A 230 21.21 -33.90 26.49
C VAL A 230 20.32 -33.71 25.27
N CYS A 231 20.72 -34.30 24.14
CA CYS A 231 19.94 -34.16 22.92
C CYS A 231 18.61 -34.88 23.04
N TYR A 232 17.61 -34.38 22.33
CA TYR A 232 16.27 -34.93 22.41
C TYR A 232 16.22 -36.30 21.72
N THR A 233 15.60 -37.26 22.37
CA THR A 233 15.36 -38.57 21.80
C THR A 233 13.92 -39.00 22.07
N GLU A 234 13.40 -39.87 21.21
CA GLU A 234 12.03 -40.34 21.37
C GLU A 234 11.85 -41.10 22.68
N SER A 235 12.85 -41.89 23.06
CA SER A 235 12.76 -42.62 24.33
C SER A 235 12.72 -41.69 25.52
N ALA A 236 13.36 -40.52 25.42
CA ALA A 236 13.41 -39.56 26.50
C ALA A 236 12.36 -38.46 26.36
N ALA A 237 11.47 -38.59 25.38
CA ALA A 237 10.43 -37.58 25.20
C ALA A 237 9.47 -37.60 26.39
N PRO A 238 8.99 -36.44 26.83
CA PRO A 238 8.16 -36.39 28.03
C PRO A 238 6.79 -37.01 27.77
N PRO A 239 6.11 -37.46 28.83
CA PRO A 239 4.75 -37.97 28.66
C PRO A 239 3.83 -36.92 28.05
N LYS A 240 2.88 -37.39 27.23
CA LYS A 240 2.01 -36.49 26.50
C LYS A 240 1.08 -35.71 27.41
N LYS A 241 0.86 -36.17 28.64
CA LYS A 241 -0.13 -35.54 29.52
C LYS A 241 0.24 -34.09 29.84
N ASP A 242 1.50 -33.84 30.19
CA ASP A 242 1.93 -32.53 30.64
C ASP A 242 2.97 -32.02 29.63
N SER A 243 2.72 -32.27 28.34
CA SER A 243 3.65 -31.86 27.30
C SER A 243 2.91 -31.17 26.16
N PHE A 244 3.57 -30.18 25.57
CA PHE A 244 3.08 -29.51 24.38
C PHE A 244 3.71 -30.17 23.16
N GLN A 245 2.95 -30.23 22.07
CA GLN A 245 3.37 -30.91 20.86
C GLN A 245 3.87 -29.90 19.83
N CYS A 246 5.15 -30.00 19.45
CA CYS A 246 5.64 -29.17 18.37
C CYS A 246 5.05 -29.65 17.04
N VAL A 247 5.17 -28.79 16.02
CA VAL A 247 4.71 -29.18 14.69
C VAL A 247 5.52 -30.36 14.18
N ASN A 248 6.81 -30.38 14.47
CA ASN A 248 7.71 -31.41 13.97
C ASN A 248 7.67 -32.70 14.79
N GLY A 249 6.86 -32.75 15.84
CA GLY A 249 6.76 -33.94 16.66
C GLY A 249 7.48 -33.87 17.99
N LYS A 250 8.32 -32.86 18.21
CA LYS A 250 9.01 -32.72 19.48
C LYS A 250 8.01 -32.46 20.61
N ARG A 251 8.21 -33.12 21.73
CA ARG A 251 7.40 -32.91 22.92
C ARG A 251 8.21 -32.15 23.96
N ILE A 252 7.62 -31.09 24.52
CA ILE A 252 8.29 -30.27 25.53
C ILE A 252 7.32 -30.04 26.67
N PRO A 253 7.80 -29.80 27.89
CA PRO A 253 6.88 -29.54 29.00
C PRO A 253 5.99 -28.34 28.74
N GLN A 254 4.76 -28.42 29.25
CA GLN A 254 3.77 -27.39 28.97
C GLN A 254 4.21 -26.02 29.47
N LYS A 255 4.94 -25.96 30.59
CA LYS A 255 5.37 -24.69 31.14
C LYS A 255 6.34 -23.96 30.22
N LYS A 256 7.04 -24.67 29.35
CA LYS A 256 7.97 -24.06 28.41
C LYS A 256 7.31 -23.61 27.12
N ALA A 257 6.02 -23.90 26.96
CA ALA A 257 5.27 -23.39 25.82
C ALA A 257 4.75 -21.99 26.11
N CYS A 258 4.87 -21.11 25.12
CA CYS A 258 4.42 -19.72 25.23
C CYS A 258 5.12 -18.99 26.37
N ASP A 259 6.39 -19.33 26.62
CA ASP A 259 7.20 -18.65 27.62
C ASP A 259 8.09 -17.58 27.02
N GLY A 260 8.00 -17.34 25.71
CA GLY A 260 8.89 -16.43 25.03
C GLY A 260 10.20 -17.05 24.61
N VAL A 261 10.49 -18.28 25.03
CA VAL A 261 11.74 -18.96 24.73
C VAL A 261 11.46 -19.97 23.63
N ASN A 262 12.31 -19.98 22.60
CA ASN A 262 12.14 -20.87 21.47
C ASN A 262 12.52 -22.28 21.91
N ASP A 263 11.58 -22.97 22.55
CA ASP A 263 11.81 -24.33 23.03
C ASP A 263 11.53 -25.38 21.97
N CYS A 264 10.84 -25.03 20.89
CA CYS A 264 10.55 -25.96 19.82
C CYS A 264 11.63 -25.80 18.77
N VAL A 265 11.79 -26.81 17.92
CA VAL A 265 12.80 -26.71 16.87
C VAL A 265 12.40 -25.68 15.84
N ASP A 266 11.13 -25.67 15.43
CA ASP A 266 10.62 -24.77 14.41
C ASP A 266 9.81 -23.60 14.99
N LYS A 267 9.97 -23.32 16.29
CA LYS A 267 9.29 -22.22 16.98
C LYS A 267 7.79 -22.44 17.14
N SER A 268 7.29 -23.66 16.94
CA SER A 268 5.84 -23.87 16.95
C SER A 268 5.21 -23.56 18.30
N ASP A 269 6.00 -23.55 19.37
CA ASP A 269 5.47 -23.25 20.70
C ASP A 269 5.33 -21.76 21.00
N GLU A 270 5.75 -20.88 20.10
CA GLU A 270 5.73 -19.44 20.38
C GLU A 270 4.94 -18.63 19.35
N LEU A 271 4.11 -19.27 18.53
CA LEU A 271 3.32 -18.55 17.55
C LEU A 271 1.82 -18.55 17.82
N CYS A 272 1.35 -19.35 18.77
CA CYS A 272 -0.08 -19.42 19.12
C CYS A 272 -0.18 -19.30 20.63
N CYS A 273 -0.28 -18.06 21.12
CA CYS A 273 -0.25 -17.79 22.55
C CYS A 273 -1.26 -16.70 22.89
N LYS A 274 -1.93 -16.86 24.03
CA LYS A 274 -2.78 -15.81 24.56
C LYS A 274 -2.01 -14.85 25.46
N ASP A 275 -0.96 -15.33 26.11
CA ASP A 275 -0.10 -14.50 26.94
C ASP A 275 1.26 -15.19 27.07
N CYS A 276 2.27 -14.41 27.44
CA CYS A 276 3.62 -14.92 27.56
C CYS A 276 3.96 -15.16 29.03
N ARG A 277 4.63 -16.28 29.29
CA ARG A 277 5.06 -16.62 30.63
C ARG A 277 6.40 -15.97 30.96
N GLY A 278 6.58 -15.64 32.22
CA GLY A 278 7.84 -15.03 32.65
C GLY A 278 8.02 -13.65 32.05
N GLU A 279 9.21 -13.43 31.49
CA GLU A 279 9.58 -12.13 30.94
C GLU A 279 9.27 -11.99 29.46
N GLY A 280 8.68 -13.00 28.83
CA GLY A 280 8.42 -12.93 27.41
C GLY A 280 7.47 -11.80 27.06
N PHE A 281 7.70 -11.20 25.89
CA PHE A 281 6.88 -10.11 25.40
C PHE A 281 5.89 -10.65 24.38
N LEU A 282 4.63 -10.23 24.50
CA LEU A 282 3.55 -10.72 23.67
C LEU A 282 3.23 -9.71 22.57
N CYS A 283 3.24 -10.18 21.33
CA CYS A 283 2.83 -9.35 20.22
C CYS A 283 1.30 -9.23 20.19
N LYS A 284 0.82 -8.25 19.41
CA LYS A 284 -0.61 -8.15 19.16
C LYS A 284 -1.13 -9.38 18.42
N SER A 285 -0.28 -10.00 17.61
CA SER A 285 -0.64 -11.19 16.84
C SER A 285 -0.48 -12.49 17.63
N GLY A 286 -0.20 -12.40 18.93
CA GLY A 286 -0.09 -13.60 19.74
C GLY A 286 1.23 -14.31 19.65
N VAL A 287 2.32 -13.58 19.39
CA VAL A 287 3.65 -14.15 19.27
C VAL A 287 4.46 -13.78 20.50
N CYS A 288 5.09 -14.78 21.12
CA CYS A 288 5.91 -14.56 22.32
C CYS A 288 7.35 -14.33 21.89
N ILE A 289 7.93 -13.23 22.36
CA ILE A 289 9.31 -12.85 22.00
C ILE A 289 10.06 -12.49 23.27
N PRO A 290 11.34 -12.83 23.38
CA PRO A 290 12.10 -12.44 24.59
C PRO A 290 12.23 -10.93 24.72
N LYS A 291 12.42 -10.49 25.96
CA LYS A 291 12.47 -9.06 26.25
C LYS A 291 13.63 -8.38 25.54
N GLN A 292 14.78 -9.06 25.43
CA GLN A 292 15.94 -8.44 24.82
C GLN A 292 15.72 -8.11 23.35
N TYR A 293 14.71 -8.70 22.71
CA TYR A 293 14.36 -8.35 21.35
C TYR A 293 13.48 -7.11 21.27
N LYS A 294 13.06 -6.55 22.41
CA LYS A 294 12.30 -5.32 22.43
C LYS A 294 13.25 -4.12 22.42
N CYS A 295 12.96 -3.15 21.56
CA CYS A 295 13.73 -1.91 21.48
C CYS A 295 15.19 -2.16 21.12
N ASN A 296 15.45 -3.22 20.35
CA ASN A 296 16.79 -3.53 19.90
C ASN A 296 17.07 -3.12 18.46
N GLY A 297 16.08 -2.56 17.77
CA GLY A 297 16.31 -1.89 16.50
C GLY A 297 15.81 -2.63 15.27
N GLU A 298 15.22 -3.81 15.42
CA GLU A 298 14.62 -4.51 14.30
C GLU A 298 13.24 -5.01 14.68
N LEU A 299 12.36 -5.07 13.68
CA LEU A 299 10.96 -5.44 13.89
C LEU A 299 10.86 -6.93 14.14
N ASP A 300 10.49 -7.32 15.36
CA ASP A 300 10.28 -8.72 15.69
C ASP A 300 8.81 -9.11 15.67
N CYS A 301 7.93 -8.24 16.15
CA CYS A 301 6.50 -8.45 15.99
C CYS A 301 6.06 -8.04 14.59
N ILE A 302 4.98 -8.66 14.11
CA ILE A 302 4.49 -8.35 12.78
C ILE A 302 4.03 -6.91 12.69
N THR A 303 3.29 -6.43 13.69
CA THR A 303 2.80 -5.06 13.66
C THR A 303 3.83 -4.06 14.16
N GLY A 304 4.97 -4.52 14.68
CA GLY A 304 6.03 -3.63 15.07
C GLY A 304 5.92 -3.01 16.45
N GLU A 305 5.01 -3.51 17.30
CA GLU A 305 4.86 -2.95 18.63
C GLU A 305 6.05 -3.23 19.53
N ASP A 306 6.96 -4.12 19.14
CA ASP A 306 8.16 -4.34 19.92
C ASP A 306 9.16 -3.21 19.81
N GLU A 307 9.00 -2.31 18.84
CA GLU A 307 9.98 -1.26 18.56
C GLU A 307 9.38 0.14 18.69
N VAL A 308 8.25 0.28 19.37
CA VAL A 308 7.63 1.59 19.56
C VAL A 308 7.87 2.01 21.00
N GLY A 309 8.04 3.32 21.20
CA GLY A 309 8.37 3.82 22.52
C GLY A 309 9.80 3.56 22.94
N CYS A 310 10.71 3.40 21.98
CA CYS A 310 12.10 3.08 22.26
C CYS A 310 12.93 4.37 22.21
N GLU A 311 13.61 4.67 23.31
CA GLU A 311 14.40 5.88 23.41
C GLU A 311 15.66 5.79 22.57
N ALA A 322 33.95 -7.61 24.52
CA ALA A 322 34.83 -8.78 24.49
C ALA A 322 35.48 -8.93 23.12
N GLU A 323 36.61 -9.64 23.07
CA GLU A 323 37.31 -9.86 21.82
C GLU A 323 36.50 -10.78 20.91
N MET A 324 36.33 -10.37 19.65
CA MET A 324 35.50 -11.09 18.70
C MET A 324 36.27 -12.29 18.16
N LEU A 325 35.95 -13.48 18.67
CA LEU A 325 36.58 -14.68 18.17
C LEU A 325 36.14 -15.01 16.75
N THR A 326 34.89 -14.72 16.40
CA THR A 326 34.36 -14.97 15.07
C THR A 326 33.53 -13.78 14.63
N ALA A 327 33.28 -13.70 13.33
CA ALA A 327 32.41 -12.65 12.82
C ALA A 327 30.98 -12.85 13.33
N ASP A 328 30.24 -11.74 13.37
CA ASP A 328 28.85 -11.75 13.84
C ASP A 328 27.93 -11.97 12.65
N MET A 329 27.63 -13.24 12.36
CA MET A 329 26.69 -13.54 11.29
C MET A 329 25.30 -13.00 11.57
N ASP A 330 24.92 -12.88 12.85
CA ASP A 330 23.65 -12.23 13.19
C ASP A 330 23.67 -10.77 12.79
N ALA A 331 24.79 -10.09 13.01
CA ALA A 331 24.92 -8.71 12.58
C ALA A 331 24.84 -8.61 11.06
N GLU A 332 25.39 -9.59 10.35
CA GLU A 332 25.26 -9.61 8.90
C GLU A 332 23.81 -9.78 8.48
N ARG A 333 23.08 -10.69 9.14
CA ARG A 333 21.69 -10.92 8.78
C ARG A 333 20.84 -9.69 9.03
N LYS A 334 21.03 -9.02 10.18
CA LYS A 334 20.32 -7.78 10.43
C LYS A 334 20.72 -6.71 9.43
N PHE A 335 22.01 -6.63 9.11
CA PHE A 335 22.51 -5.67 8.14
C PHE A 335 21.93 -5.94 6.76
N THR A 336 21.80 -7.22 6.40
CA THR A 336 21.20 -7.57 5.11
C THR A 336 19.75 -7.14 5.04
N LYS A 337 19.02 -7.25 6.15
CA LYS A 337 17.62 -6.87 6.17
C LYS A 337 17.40 -5.42 5.80
N SER A 338 18.37 -4.55 6.10
CA SER A 338 18.23 -3.13 5.80
C SER A 338 18.30 -2.84 4.31
N PHE A 339 18.69 -3.80 3.49
CA PHE A 339 18.87 -3.56 2.06
C PHE A 339 17.68 -4.04 1.22
N LEU A 340 16.73 -4.74 1.82
CA LEU A 340 15.54 -5.13 1.07
C LEU A 340 14.74 -3.90 0.68
N PRO A 341 14.18 -3.86 -0.53
CA PRO A 341 13.40 -2.69 -0.95
C PRO A 341 12.30 -2.36 0.05
N LYS A 342 12.11 -1.07 0.28
CA LYS A 342 11.09 -0.56 1.19
C LYS A 342 9.95 0.04 0.39
N LEU A 343 8.73 -0.32 0.75
CA LEU A 343 7.53 0.15 0.06
C LEU A 343 6.96 1.36 0.79
N SER A 344 6.60 2.39 0.04
CA SER A 344 6.05 3.63 0.59
C SER A 344 4.54 3.61 0.37
N CYS A 345 3.81 3.14 1.38
CA CYS A 345 2.36 3.13 1.34
C CYS A 345 1.83 3.37 2.75
N GLY A 346 0.53 3.65 2.83
CA GLY A 346 -0.14 3.76 4.11
C GLY A 346 0.15 5.01 4.89
N VAL A 347 0.91 5.96 4.34
CA VAL A 347 1.24 7.19 5.02
C VAL A 347 0.65 8.35 4.23
N LYS A 348 0.17 9.37 4.95
CA LYS A 348 -0.45 10.53 4.35
C LYS A 348 0.45 11.74 4.48
N ASN A 349 0.33 12.65 3.52
CA ASN A 349 1.16 13.86 3.51
C ASN A 349 0.75 14.82 4.62
N LYS A 362 -19.83 11.56 9.10
CA LYS A 362 -19.42 12.96 9.00
C LYS A 362 -18.61 13.20 7.74
N PRO A 363 -18.66 14.42 7.20
CA PRO A 363 -17.90 14.73 5.99
C PRO A 363 -16.39 14.73 6.25
N ALA A 364 -15.65 14.50 5.17
CA ALA A 364 -14.19 14.53 5.21
C ALA A 364 -13.66 15.67 4.35
N LYS A 365 -12.34 15.71 4.19
CA LYS A 365 -11.63 16.75 3.46
C LYS A 365 -10.61 16.08 2.55
N MET A 366 -9.85 16.88 1.80
CA MET A 366 -8.85 16.29 0.92
C MET A 366 -7.74 15.65 1.75
N GLY A 367 -7.02 14.73 1.11
CA GLY A 367 -5.86 14.11 1.69
C GLY A 367 -6.14 13.23 2.89
N GLU A 368 -7.32 13.32 3.49
CA GLU A 368 -7.67 12.43 4.58
C GLU A 368 -7.83 11.00 4.10
N PHE A 369 -8.18 10.82 2.83
CA PHE A 369 -8.31 9.49 2.23
C PHE A 369 -7.82 9.55 0.79
N PRO A 370 -6.51 9.64 0.58
CA PRO A 370 -5.98 9.61 -0.79
C PRO A 370 -6.20 8.29 -1.49
N TRP A 371 -6.46 7.21 -0.74
CA TRP A 371 -6.69 5.89 -1.30
C TRP A 371 -8.13 5.67 -1.73
N GLN A 372 -9.02 6.63 -1.45
CA GLN A 372 -10.44 6.46 -1.74
C GLN A 372 -10.69 6.52 -3.24
N MET A 373 -11.15 5.41 -3.81
CA MET A 373 -11.46 5.31 -5.23
C MET A 373 -12.97 5.23 -5.39
N ALA A 374 -13.46 5.75 -6.51
CA ALA A 374 -14.88 5.70 -6.81
C ALA A 374 -15.08 5.28 -8.26
N ILE A 375 -15.96 4.31 -8.49
CA ILE A 375 -16.33 3.87 -9.84
C ILE A 375 -17.68 4.47 -10.18
N LYS A 376 -17.78 5.06 -11.36
CA LYS A 376 -19.02 5.67 -11.84
C LYS A 376 -19.57 4.87 -13.01
N GLU A 377 -20.85 4.52 -12.92
CA GLU A 377 -21.60 3.94 -14.02
C GLU A 377 -22.59 4.99 -14.51
N GLY A 378 -22.37 5.48 -15.73
CA GLY A 378 -23.19 6.57 -16.22
C GLY A 378 -22.94 7.84 -15.44
N ASP A 379 -23.96 8.32 -14.72
CA ASP A 379 -23.85 9.52 -13.91
C ASP A 379 -23.96 9.24 -12.42
N LYS A 380 -23.95 7.98 -12.01
CA LYS A 380 -24.13 7.59 -10.62
C LYS A 380 -22.95 6.74 -10.17
N ILE A 381 -22.42 7.04 -8.98
CA ILE A 381 -21.35 6.24 -8.41
C ILE A 381 -21.95 4.91 -7.95
N HIS A 382 -21.66 3.84 -8.68
CA HIS A 382 -22.22 2.54 -8.35
C HIS A 382 -21.61 2.01 -7.06
N CYS A 383 -20.29 2.15 -6.92
CA CYS A 383 -19.57 1.56 -5.79
C CYS A 383 -18.29 2.35 -5.55
N GLY A 384 -17.69 2.13 -4.38
CA GLY A 384 -16.41 2.71 -4.04
C GLY A 384 -15.26 1.74 -4.33
N GLY A 385 -14.05 2.25 -4.14
CA GLY A 385 -12.87 1.45 -4.42
C GLY A 385 -11.69 1.87 -3.58
N ILE A 386 -10.66 1.02 -3.59
CA ILE A 386 -9.44 1.23 -2.81
C ILE A 386 -8.27 1.23 -3.77
N TYR A 387 -7.43 2.26 -3.70
CA TYR A 387 -6.22 2.30 -4.50
C TYR A 387 -5.14 1.44 -3.85
N ILE A 388 -4.46 0.63 -4.67
CA ILE A 388 -3.44 -0.28 -4.17
C ILE A 388 -2.05 0.05 -4.68
N GLY A 389 -1.93 0.61 -5.88
CA GLY A 389 -0.64 0.96 -6.45
C GLY A 389 -0.65 0.74 -7.95
N GLY A 390 0.10 1.59 -8.66
CA GLY A 390 0.08 1.52 -10.11
C GLY A 390 -1.30 1.81 -10.65
N CYS A 391 -1.77 0.95 -11.55
CA CYS A 391 -3.11 1.04 -12.12
C CYS A 391 -4.05 0.01 -11.54
N TRP A 392 -3.98 -0.28 -10.25
CA TRP A 392 -4.77 -1.35 -9.65
C TRP A 392 -5.64 -0.81 -8.53
N ILE A 393 -6.91 -1.22 -8.53
CA ILE A 393 -7.90 -0.80 -7.54
C ILE A 393 -8.64 -2.03 -7.04
N LEU A 394 -8.88 -2.09 -5.74
CA LEU A 394 -9.57 -3.21 -5.11
C LEU A 394 -11.02 -2.80 -4.83
N THR A 395 -11.95 -3.68 -5.17
CA THR A 395 -13.37 -3.38 -5.06
C THR A 395 -14.13 -4.70 -4.93
N ALA A 396 -15.28 -4.64 -4.25
CA ALA A 396 -16.11 -5.82 -4.09
C ALA A 396 -16.54 -6.38 -5.44
N ALA A 397 -16.62 -7.71 -5.52
CA ALA A 397 -16.87 -8.37 -6.80
C ALA A 397 -18.25 -8.01 -7.35
N HIS A 398 -19.27 -7.97 -6.50
CA HIS A 398 -20.62 -7.72 -6.96
C HIS A 398 -20.82 -6.30 -7.48
N CYS A 399 -19.86 -5.41 -7.24
CA CYS A 399 -19.99 -4.02 -7.65
C CYS A 399 -19.80 -3.81 -9.15
N VAL A 400 -19.19 -4.76 -9.85
CA VAL A 400 -18.87 -4.57 -11.26
C VAL A 400 -19.26 -5.81 -12.05
N ARG A 401 -19.46 -5.61 -13.35
CA ARG A 401 -19.73 -6.70 -14.29
C ARG A 401 -18.90 -6.47 -15.54
N ILE A 402 -18.44 -7.57 -16.14
CA ILE A 402 -17.58 -7.49 -17.32
C ILE A 402 -18.34 -6.93 -18.51
N SER A 403 -19.63 -7.23 -18.62
CA SER A 403 -20.40 -6.81 -19.79
C SER A 403 -20.49 -5.29 -19.92
N ARG A 404 -20.31 -4.55 -18.83
CA ARG A 404 -20.34 -3.10 -18.85
C ARG A 404 -18.94 -2.50 -18.81
N MET A 405 -18.02 -3.11 -19.57
CA MET A 405 -16.61 -2.78 -19.46
C MET A 405 -16.32 -1.33 -19.79
N HIS A 406 -16.93 -0.83 -20.86
CA HIS A 406 -16.58 0.50 -21.37
C HIS A 406 -17.33 1.62 -20.67
N ARG A 407 -18.19 1.30 -19.71
CA ARG A 407 -19.06 2.29 -19.09
C ARG A 407 -18.51 2.83 -17.77
N TYR A 408 -17.64 2.09 -17.10
CA TYR A 408 -17.14 2.53 -15.81
C TYR A 408 -16.11 3.64 -15.96
N GLN A 409 -16.08 4.53 -14.96
CA GLN A 409 -15.10 5.60 -14.86
C GLN A 409 -14.54 5.65 -13.45
N ILE A 410 -13.28 6.04 -13.34
CA ILE A 410 -12.58 6.10 -12.07
C ILE A 410 -12.40 7.56 -11.69
N TRP A 411 -12.91 7.94 -10.51
CA TRP A 411 -12.80 9.30 -10.02
C TRP A 411 -11.98 9.32 -8.74
N THR A 412 -11.03 10.24 -8.66
CA THR A 412 -10.10 10.31 -7.54
C THR A 412 -9.93 11.75 -7.10
N SER A 413 -9.52 11.92 -5.84
CA SER A 413 -9.13 13.22 -5.29
C SER A 413 -10.24 14.24 -5.45
N PHE A 414 -11.45 13.84 -5.08
CA PHE A 414 -12.61 14.72 -5.18
C PHE A 414 -13.51 14.48 -3.99
N THR A 415 -14.25 15.52 -3.61
CA THR A 415 -15.23 15.44 -2.54
C THR A 415 -16.66 15.41 -3.04
N ASP A 416 -16.99 16.24 -4.03
CA ASP A 416 -18.34 16.34 -4.57
C ASP A 416 -18.32 15.83 -6.01
N TRP A 417 -19.13 14.81 -6.29
CA TRP A 417 -19.22 14.31 -7.66
C TRP A 417 -19.91 15.29 -8.59
N LEU A 418 -20.79 16.13 -8.06
CA LEU A 418 -21.43 17.17 -8.87
C LEU A 418 -20.48 18.33 -9.14
N ARG A 419 -19.52 18.57 -8.26
CA ARG A 419 -18.62 19.73 -8.35
C ARG A 419 -17.17 19.30 -8.18
N PRO A 420 -16.62 18.58 -9.15
CA PRO A 420 -15.21 18.18 -9.06
C PRO A 420 -14.28 19.38 -9.26
N GLY A 421 -13.10 19.29 -8.65
CA GLY A 421 -12.10 20.33 -8.73
C GLY A 421 -11.02 20.03 -9.77
N PHE A 422 -10.07 20.96 -9.85
CA PHE A 422 -8.95 20.79 -10.77
C PHE A 422 -8.12 19.56 -10.41
N GLN A 423 -7.98 19.28 -9.11
CA GLN A 423 -7.21 18.14 -8.68
C GLN A 423 -7.85 16.81 -9.05
N THR A 424 -9.12 16.82 -9.40
CA THR A 424 -9.82 15.59 -9.76
C THR A 424 -9.41 15.16 -11.16
N VAL A 425 -9.03 13.88 -11.30
CA VAL A 425 -8.72 13.32 -12.60
C VAL A 425 -9.52 12.02 -12.75
N VAL A 426 -9.80 11.66 -14.00
CA VAL A 426 -10.65 10.53 -14.33
C VAL A 426 -9.89 9.60 -15.25
N HIS A 427 -9.93 8.31 -14.94
CA HIS A 427 -9.28 7.29 -15.75
C HIS A 427 -10.29 6.23 -16.17
N SER A 428 -10.06 5.65 -17.33
CA SER A 428 -10.89 4.55 -17.81
C SER A 428 -10.37 3.22 -17.25
N VAL A 429 -11.22 2.20 -17.34
CA VAL A 429 -10.91 0.88 -16.82
C VAL A 429 -10.45 0.00 -17.97
N ASN A 430 -9.32 -0.68 -17.79
CA ASN A 430 -8.74 -1.53 -18.83
C ASN A 430 -9.05 -3.00 -18.63
N ARG A 431 -8.90 -3.51 -17.41
CA ARG A 431 -9.19 -4.91 -17.12
C ARG A 431 -9.78 -5.04 -15.73
N ILE A 432 -10.74 -5.95 -15.58
CA ILE A 432 -11.35 -6.25 -14.30
C ILE A 432 -11.21 -7.75 -14.04
N ILE A 433 -10.70 -8.10 -12.88
CA ILE A 433 -10.55 -9.49 -12.47
C ILE A 433 -11.48 -9.76 -11.30
N ILE A 434 -12.43 -10.65 -11.50
CA ILE A 434 -13.34 -11.09 -10.45
C ILE A 434 -12.90 -12.45 -9.97
N HIS A 435 -12.90 -12.65 -8.65
CA HIS A 435 -12.43 -13.90 -8.09
C HIS A 435 -13.24 -15.08 -8.64
N GLU A 436 -12.52 -16.14 -8.99
CA GLU A 436 -13.17 -17.27 -9.67
C GLU A 436 -14.20 -17.95 -8.78
N ASN A 437 -13.90 -18.07 -7.49
CA ASN A 437 -14.79 -18.76 -6.56
C ASN A 437 -15.86 -17.86 -5.98
N TYR A 438 -16.06 -16.67 -6.57
CA TYR A 438 -17.09 -15.77 -6.09
C TYR A 438 -18.47 -16.39 -6.24
N ASN A 439 -19.27 -16.32 -5.18
CA ASN A 439 -20.64 -16.80 -5.18
C ASN A 439 -21.58 -15.62 -5.03
N GLY A 440 -22.50 -15.47 -5.98
CA GLY A 440 -23.45 -14.37 -5.94
C GLY A 440 -24.56 -14.53 -4.93
N THR A 441 -24.71 -15.72 -4.34
CA THR A 441 -25.77 -15.94 -3.36
C THR A 441 -25.27 -15.73 -1.94
N THR A 442 -24.13 -16.32 -1.58
CA THR A 442 -23.57 -16.18 -0.25
C THR A 442 -22.61 -15.03 -0.11
N TYR A 443 -22.35 -14.30 -1.20
CA TYR A 443 -21.43 -13.16 -1.21
C TYR A 443 -20.01 -13.55 -0.79
N GLN A 444 -19.70 -14.84 -0.82
CA GLN A 444 -18.37 -15.30 -0.47
C GLN A 444 -17.37 -14.91 -1.54
N ASN A 445 -16.16 -14.55 -1.11
CA ASN A 445 -15.08 -14.14 -2.01
C ASN A 445 -15.48 -12.94 -2.85
N ASP A 446 -16.11 -11.95 -2.20
CA ASP A 446 -16.65 -10.78 -2.88
C ASP A 446 -15.54 -9.73 -3.06
N ILE A 447 -14.59 -10.05 -3.93
CA ILE A 447 -13.49 -9.16 -4.25
C ILE A 447 -13.29 -9.12 -5.76
N ALA A 448 -13.03 -7.93 -6.28
CA ALA A 448 -12.70 -7.75 -7.69
C ALA A 448 -11.53 -6.78 -7.80
N LEU A 449 -10.66 -7.01 -8.77
CA LEU A 449 -9.52 -6.15 -9.02
C LEU A 449 -9.78 -5.34 -10.27
N ILE A 450 -9.53 -4.04 -10.20
CA ILE A 450 -9.78 -3.11 -11.29
C ILE A 450 -8.44 -2.62 -11.79
N GLU A 451 -8.19 -2.78 -13.08
CA GLU A 451 -6.95 -2.31 -13.69
C GLU A 451 -7.26 -1.03 -14.46
N MET A 452 -6.71 0.08 -13.98
CA MET A 452 -6.93 1.36 -14.64
C MET A 452 -6.23 1.37 -16.00
N LYS A 453 -6.82 2.11 -16.93
CA LYS A 453 -6.23 2.20 -18.26
C LYS A 453 -4.93 2.98 -18.19
N LYS A 454 -3.88 2.42 -18.78
CA LYS A 454 -2.56 3.02 -18.72
C LYS A 454 -2.39 4.05 -19.82
N ARG A 455 -1.62 5.08 -19.53
CA ARG A 455 -1.29 6.09 -20.54
C ARG A 455 -0.30 5.47 -21.53
N PRO A 456 -0.62 5.46 -22.83
CA PRO A 456 0.25 4.74 -23.78
C PRO A 456 1.69 5.23 -23.81
N ASN A 457 1.93 6.51 -23.56
CA ASN A 457 3.29 7.04 -23.58
C ASN A 457 3.96 7.04 -22.22
N GLU A 458 3.29 6.52 -21.18
CA GLU A 458 3.87 6.43 -19.85
C GLU A 458 4.33 5.00 -19.59
N LYS A 459 5.59 4.86 -19.20
CA LYS A 459 6.14 3.53 -18.90
C LYS A 459 5.49 2.94 -17.66
N GLU A 460 5.19 3.77 -16.66
CA GLU A 460 4.60 3.29 -15.41
C GLU A 460 3.36 4.10 -15.08
N CYS A 461 2.33 3.40 -14.60
CA CYS A 461 1.09 4.02 -14.16
C CYS A 461 1.33 4.77 -12.85
N VAL A 462 1.23 6.10 -12.90
CA VAL A 462 1.43 6.93 -11.71
C VAL A 462 0.22 7.85 -11.53
N LEU A 463 -0.20 8.00 -10.28
CA LEU A 463 -1.21 8.98 -9.89
C LEU A 463 -0.53 9.99 -8.96
N SER A 464 -0.33 11.21 -9.46
CA SER A 464 0.46 12.19 -8.72
C SER A 464 -0.21 12.62 -7.42
N LYS A 465 -1.54 12.59 -7.36
CA LYS A 465 -2.27 13.10 -6.21
C LYS A 465 -2.88 12.01 -5.34
N SER A 466 -2.53 10.75 -5.57
CA SER A 466 -3.07 9.64 -4.80
C SER A 466 -1.94 8.83 -4.17
N ILE A 467 -2.12 8.47 -2.91
CA ILE A 467 -1.15 7.66 -2.16
C ILE A 467 -1.79 6.30 -1.90
N PRO A 468 -1.20 5.21 -2.39
CA PRO A 468 -1.79 3.89 -2.17
C PRO A 468 -1.72 3.50 -0.70
N ALA A 469 -2.71 2.73 -0.27
CA ALA A 469 -2.77 2.20 1.07
C ALA A 469 -2.22 0.77 1.09
N CYS A 470 -1.47 0.44 2.14
CA CYS A 470 -0.85 -0.86 2.23
C CYS A 470 -1.91 -1.95 2.39
N VAL A 471 -1.68 -3.08 1.75
CA VAL A 471 -2.56 -4.24 1.85
C VAL A 471 -2.00 -5.17 2.93
N PRO A 472 -2.80 -5.58 3.91
CA PRO A 472 -2.30 -6.53 4.91
C PRO A 472 -1.94 -7.86 4.26
N TRP A 473 -0.88 -8.47 4.77
CA TRP A 473 -0.41 -9.74 4.23
C TRP A 473 -0.80 -10.93 5.09
N SER A 474 -1.25 -10.70 6.32
CA SER A 474 -1.64 -11.78 7.21
C SER A 474 -2.95 -11.44 7.90
N PRO A 475 -3.79 -12.44 8.18
CA PRO A 475 -5.03 -12.16 8.93
C PRO A 475 -4.82 -11.83 10.39
N TYR A 476 -3.58 -11.81 10.87
CA TYR A 476 -3.29 -11.54 12.27
C TYR A 476 -2.77 -10.14 12.52
N LEU A 477 -2.80 -9.27 11.50
CA LEU A 477 -2.35 -7.89 11.69
C LEU A 477 -3.21 -7.15 12.70
N PHE A 478 -4.51 -7.42 12.71
CA PHE A 478 -5.43 -6.73 13.59
C PHE A 478 -6.28 -7.74 14.36
N GLN A 479 -6.68 -7.35 15.56
CA GLN A 479 -7.37 -8.24 16.48
C GLN A 479 -8.78 -7.70 16.71
N PRO A 480 -9.67 -8.45 17.37
CA PRO A 480 -10.99 -7.90 17.68
C PRO A 480 -10.89 -6.66 18.55
N ASN A 481 -11.87 -5.76 18.38
CA ASN A 481 -12.04 -4.49 19.08
C ASN A 481 -11.05 -3.43 18.61
N ASP A 482 -10.26 -3.71 17.58
CA ASP A 482 -9.34 -2.70 17.05
C ASP A 482 -10.13 -1.60 16.34
N LYS A 483 -9.69 -0.37 16.53
CA LYS A 483 -10.36 0.79 15.93
C LYS A 483 -10.02 0.85 14.44
N CYS A 484 -11.06 0.88 13.60
CA CYS A 484 -10.88 0.96 12.16
C CYS A 484 -11.88 1.95 11.58
N ILE A 485 -11.60 2.39 10.35
CA ILE A 485 -12.35 3.48 9.73
C ILE A 485 -13.06 2.93 8.49
N VAL A 486 -14.36 3.18 8.41
CA VAL A 486 -15.16 2.86 7.24
C VAL A 486 -15.59 4.15 6.58
N SER A 487 -15.53 4.19 5.24
CA SER A 487 -15.80 5.41 4.50
C SER A 487 -16.51 5.05 3.20
N GLY A 488 -17.12 6.06 2.60
CA GLY A 488 -17.80 5.88 1.33
C GLY A 488 -18.82 6.97 1.11
N TRP A 489 -19.44 6.90 -0.08
CA TRP A 489 -20.50 7.82 -0.48
C TRP A 489 -21.88 7.32 -0.13
N GLY A 490 -22.00 6.49 0.90
CA GLY A 490 -23.24 5.79 1.17
C GLY A 490 -24.37 6.71 1.59
N ARG A 491 -25.54 6.10 1.74
CA ARG A 491 -26.77 6.84 2.01
C ARG A 491 -26.76 7.44 3.41
N GLU A 492 -27.35 8.62 3.53
CA GLU A 492 -27.49 9.29 4.82
C GLU A 492 -28.64 8.67 5.60
N LYS A 493 -28.97 9.26 6.73
CA LYS A 493 -30.18 8.87 7.47
C LYS A 493 -31.42 9.28 6.67
N ASP A 494 -32.48 8.49 6.84
CA ASP A 494 -33.73 8.65 6.08
C ASP A 494 -33.49 8.57 4.57
N ASN A 495 -32.46 7.81 4.17
CA ASN A 495 -32.17 7.53 2.77
C ASN A 495 -31.90 8.79 1.96
N GLN A 496 -31.43 9.85 2.63
CA GLN A 496 -31.08 11.08 1.92
C GLN A 496 -29.84 10.87 1.05
N LYS A 497 -29.85 11.48 -0.13
CA LYS A 497 -28.71 11.36 -1.04
C LYS A 497 -27.52 12.15 -0.49
N VAL A 498 -26.36 11.50 -0.47
CA VAL A 498 -25.13 12.12 0.00
C VAL A 498 -24.28 12.47 -1.20
N TYR A 499 -23.85 13.73 -1.28
CA TYR A 499 -23.07 14.22 -2.39
C TYR A 499 -21.62 14.52 -1.99
N SER A 500 -21.20 14.07 -0.82
CA SER A 500 -19.84 14.29 -0.33
C SER A 500 -19.31 12.99 0.26
N LEU A 501 -18.00 12.80 0.13
CA LEU A 501 -17.36 11.66 0.76
C LEU A 501 -17.57 11.72 2.28
N ARG A 502 -18.01 10.61 2.85
CA ARG A 502 -18.32 10.53 4.28
C ARG A 502 -17.55 9.39 4.91
N TRP A 503 -17.12 9.60 6.14
CA TRP A 503 -16.24 8.66 6.83
C TRP A 503 -16.69 8.48 8.27
N GLY A 504 -16.63 7.24 8.75
CA GLY A 504 -17.05 6.93 10.09
C GLY A 504 -16.10 5.94 10.74
N GLU A 505 -16.23 5.80 12.04
CA GLU A 505 -15.38 4.93 12.84
C GLU A 505 -16.20 3.73 13.28
N VAL A 506 -15.56 2.55 13.27
CA VAL A 506 -16.19 1.31 13.72
C VAL A 506 -15.16 0.48 14.47
N HIS A 507 -15.67 -0.51 15.20
CA HIS A 507 -14.83 -1.41 15.99
C HIS A 507 -15.06 -2.85 15.52
N LEU A 508 -13.98 -3.63 15.52
CA LEU A 508 -14.05 -5.01 15.09
C LEU A 508 -14.68 -5.89 16.16
N ILE A 509 -15.34 -6.96 15.72
CA ILE A 509 -16.04 -7.88 16.61
C ILE A 509 -15.39 -9.24 16.53
N ASN A 510 -15.19 -9.87 17.69
CA ASN A 510 -14.56 -11.19 17.73
C ASN A 510 -15.43 -12.23 17.08
N ASN A 511 -16.69 -12.32 17.50
CA ASN A 511 -17.63 -13.30 16.98
C ASN A 511 -18.71 -12.58 16.18
N CYS A 512 -19.21 -13.26 15.14
CA CYS A 512 -20.30 -12.72 14.33
C CYS A 512 -21.28 -13.80 13.90
N SER A 513 -21.00 -15.07 14.18
CA SER A 513 -21.89 -16.15 13.78
C SER A 513 -23.24 -16.07 14.47
N GLU A 514 -23.29 -15.49 15.68
CA GLU A 514 -24.57 -15.39 16.38
C GLU A 514 -25.53 -14.49 15.63
N PHE A 515 -25.03 -13.36 15.11
CA PHE A 515 -25.91 -12.43 14.40
C PHE A 515 -26.31 -12.98 13.02
N TYR A 516 -25.46 -13.80 12.41
CA TYR A 516 -25.73 -14.35 11.08
C TYR A 516 -25.38 -15.84 11.08
N PRO A 517 -26.19 -16.65 11.74
CA PRO A 517 -25.88 -18.09 11.79
C PRO A 517 -26.09 -18.75 10.45
N GLY A 518 -25.16 -19.65 10.10
CA GLY A 518 -25.23 -20.39 8.86
C GLY A 518 -24.78 -19.63 7.63
N ARG A 519 -24.47 -18.34 7.74
CA ARG A 519 -24.04 -17.56 6.60
C ARG A 519 -22.67 -16.90 6.78
N TYR A 520 -22.29 -16.57 8.00
CA TYR A 520 -21.00 -15.93 8.23
C TYR A 520 -19.87 -16.94 8.14
N PHE A 521 -18.87 -16.63 7.31
CA PHE A 521 -17.67 -17.44 7.17
C PHE A 521 -16.49 -16.67 7.75
N GLU A 522 -15.89 -17.21 8.80
CA GLU A 522 -14.86 -16.46 9.53
C GLU A 522 -13.61 -16.27 8.68
N LYS A 523 -13.24 -17.27 7.87
CA LYS A 523 -12.00 -17.17 7.12
C LYS A 523 -12.09 -16.14 6.00
N GLU A 524 -13.27 -15.96 5.42
CA GLU A 524 -13.45 -15.09 4.26
C GLU A 524 -14.20 -13.81 4.57
N MET A 525 -15.10 -13.81 5.54
CA MET A 525 -15.90 -12.65 5.87
C MET A 525 -15.56 -12.17 7.27
N GLN A 526 -15.61 -10.86 7.46
CA GLN A 526 -15.27 -10.23 8.72
C GLN A 526 -16.35 -9.23 9.09
N CYS A 527 -16.72 -9.20 10.37
CA CYS A 527 -17.82 -8.38 10.85
C CYS A 527 -17.28 -7.26 11.73
N ALA A 528 -17.78 -6.05 11.51
CA ALA A 528 -17.42 -4.90 12.32
C ALA A 528 -18.59 -3.94 12.36
N GLY A 529 -18.60 -3.09 13.38
CA GLY A 529 -19.65 -2.11 13.53
C GLY A 529 -19.49 -1.31 14.80
N THR A 530 -20.44 -0.42 15.03
CA THR A 530 -20.47 0.40 16.23
C THR A 530 -21.46 -0.16 17.24
N ASP A 531 -21.18 0.07 18.52
CA ASP A 531 -22.06 -0.40 19.58
C ASP A 531 -23.42 0.29 19.50
N ASP A 532 -23.43 1.60 19.29
CA ASP A 532 -24.68 2.34 19.21
C ASP A 532 -25.35 2.22 17.86
N GLY A 533 -24.61 1.85 16.81
CA GLY A 533 -25.19 1.71 15.49
C GLY A 533 -25.49 3.00 14.77
N SER A 534 -25.10 4.15 15.34
CA SER A 534 -25.39 5.42 14.68
C SER A 534 -24.65 5.56 13.36
N ILE A 535 -23.38 5.16 13.32
CA ILE A 535 -22.57 5.26 12.12
C ILE A 535 -22.46 3.89 11.49
N ASP A 536 -22.97 3.74 10.28
CA ASP A 536 -22.98 2.46 9.60
C ASP A 536 -22.99 2.69 8.09
N ALA A 537 -22.41 1.73 7.36
CA ALA A 537 -22.39 1.79 5.91
C ALA A 537 -23.73 1.33 5.34
N CYS A 538 -24.31 2.14 4.46
CA CYS A 538 -25.60 1.88 3.86
C CYS A 538 -25.40 1.39 2.43
N LYS A 539 -26.51 1.24 1.70
CA LYS A 539 -26.43 0.89 0.28
C LYS A 539 -25.63 1.94 -0.48
N GLY A 540 -24.82 1.49 -1.43
CA GLY A 540 -23.91 2.36 -2.14
C GLY A 540 -22.53 2.44 -1.53
N ASP A 541 -22.37 2.08 -0.27
CA ASP A 541 -21.05 1.96 0.34
C ASP A 541 -20.32 0.70 -0.10
N SER A 542 -20.99 -0.19 -0.81
CA SER A 542 -20.34 -1.39 -1.32
C SER A 542 -19.11 -1.02 -2.13
N GLY A 543 -18.03 -1.76 -1.90
CA GLY A 543 -16.74 -1.37 -2.44
C GLY A 543 -15.99 -0.36 -1.61
N GLY A 544 -16.58 0.14 -0.52
CA GLY A 544 -15.94 1.10 0.34
C GLY A 544 -14.88 0.46 1.21
N PRO A 545 -13.94 1.27 1.69
CA PRO A 545 -12.84 0.73 2.48
C PRO A 545 -13.20 0.52 3.95
N LEU A 546 -12.62 -0.53 4.52
CA LEU A 546 -12.58 -0.73 5.96
C LEU A 546 -11.10 -0.69 6.33
N VAL A 547 -10.59 0.51 6.59
CA VAL A 547 -9.17 0.72 6.78
C VAL A 547 -8.87 0.81 8.27
N CYS A 548 -7.64 0.45 8.63
CA CYS A 548 -7.17 0.52 10.01
C CYS A 548 -5.78 1.11 10.03
N GLN A 549 -5.43 1.70 11.17
CA GLN A 549 -4.12 2.28 11.37
C GLN A 549 -3.40 1.51 12.47
N ASP A 550 -2.14 1.15 12.22
CA ASP A 550 -1.36 0.38 13.17
C ASP A 550 -0.72 1.32 14.19
N VAL A 551 0.22 0.78 14.97
CA VAL A 551 0.93 1.59 15.95
C VAL A 551 1.77 2.67 15.27
N ASN A 552 2.21 2.41 14.03
CA ASN A 552 3.06 3.33 13.29
C ASN A 552 2.26 4.29 12.41
N ASN A 553 0.96 4.40 12.63
CA ASN A 553 0.08 5.30 11.86
C ASN A 553 0.05 4.95 10.39
N VAL A 554 0.34 3.71 10.03
CA VAL A 554 0.28 3.26 8.65
C VAL A 554 -1.12 2.71 8.37
N THR A 555 -1.72 3.16 7.27
CA THR A 555 -3.08 2.78 6.94
C THR A 555 -3.09 1.45 6.19
N TYR A 556 -3.83 0.48 6.71
CA TYR A 556 -4.01 -0.82 6.07
C TYR A 556 -5.48 -0.99 5.73
N VAL A 557 -5.74 -1.44 4.50
CA VAL A 557 -7.11 -1.69 4.04
C VAL A 557 -7.49 -3.09 4.52
N TRP A 558 -8.15 -3.17 5.67
CA TRP A 558 -8.47 -4.48 6.24
C TRP A 558 -9.60 -5.16 5.50
N GLY A 559 -10.64 -4.42 5.13
CA GLY A 559 -11.80 -5.02 4.50
C GLY A 559 -12.44 -4.10 3.50
N VAL A 560 -13.27 -4.67 2.64
CA VAL A 560 -14.07 -3.93 1.68
C VAL A 560 -15.54 -4.25 1.93
N VAL A 561 -16.39 -3.23 1.81
CA VAL A 561 -17.80 -3.37 2.14
C VAL A 561 -18.42 -4.43 1.23
N SER A 562 -18.97 -5.48 1.82
CA SER A 562 -19.57 -6.57 1.06
C SER A 562 -21.10 -6.51 1.06
N TRP A 563 -21.71 -6.48 2.25
CA TRP A 563 -23.16 -6.43 2.35
C TRP A 563 -23.54 -6.04 3.76
N GLY A 564 -24.75 -5.50 3.88
CA GLY A 564 -25.28 -5.12 5.19
C GLY A 564 -26.79 -5.23 5.29
N GLU A 565 -27.26 -5.74 6.41
CA GLU A 565 -28.68 -5.96 6.67
C GLU A 565 -29.15 -5.04 7.79
N ASN A 566 -30.19 -4.26 7.53
CA ASN A 566 -30.62 -3.16 8.38
C ASN A 566 -29.43 -2.25 8.72
N CYS A 567 -28.88 -1.65 7.66
CA CYS A 567 -27.76 -0.73 7.82
C CYS A 567 -28.20 0.46 8.68
N GLY A 568 -27.35 0.82 9.63
CA GLY A 568 -27.66 1.89 10.56
C GLY A 568 -28.33 1.44 11.85
N LYS A 569 -28.54 0.15 12.02
CA LYS A 569 -29.18 -0.39 13.21
C LYS A 569 -28.17 -1.17 14.04
N SER A 570 -28.34 -1.10 15.37
CA SER A 570 -27.45 -1.82 16.26
C SER A 570 -27.67 -3.32 16.17
N GLU A 571 -26.65 -4.08 16.55
CA GLU A 571 -26.62 -5.53 16.59
C GLU A 571 -26.62 -6.14 15.19
N PHE A 572 -26.74 -5.32 14.14
CA PHE A 572 -26.64 -5.80 12.77
C PHE A 572 -25.39 -5.22 12.13
N PRO A 573 -24.20 -5.71 12.47
CA PRO A 573 -22.97 -5.10 11.97
C PRO A 573 -22.78 -5.32 10.48
N GLY A 574 -22.07 -4.37 9.87
CA GLY A 574 -21.66 -4.54 8.49
C GLY A 574 -20.69 -5.68 8.33
N VAL A 575 -20.77 -6.36 7.19
CA VAL A 575 -19.95 -7.53 6.89
C VAL A 575 -18.99 -7.17 5.77
N TYR A 576 -17.71 -7.44 6.00
CA TYR A 576 -16.65 -7.09 5.06
C TYR A 576 -15.77 -8.30 4.82
N THR A 577 -15.37 -8.50 3.57
CA THR A 577 -14.51 -9.63 3.24
C THR A 577 -13.11 -9.40 3.81
N LYS A 578 -12.56 -10.44 4.43
CA LYS A 578 -11.26 -10.36 5.08
C LYS A 578 -10.19 -10.32 4.00
N VAL A 579 -9.76 -9.11 3.64
CA VAL A 579 -8.84 -8.93 2.52
C VAL A 579 -7.51 -9.64 2.80
N ALA A 580 -7.08 -9.68 4.05
CA ALA A 580 -5.80 -10.29 4.37
C ALA A 580 -5.77 -11.76 3.99
N ASN A 581 -6.93 -12.43 4.04
CA ASN A 581 -6.98 -13.84 3.65
C ASN A 581 -6.75 -14.02 2.16
N TYR A 582 -6.93 -12.97 1.36
CA TYR A 582 -6.82 -13.06 -0.09
C TYR A 582 -5.55 -12.36 -0.61
N PHE A 583 -4.53 -12.22 0.23
CA PHE A 583 -3.31 -11.55 -0.21
C PHE A 583 -2.65 -12.30 -1.35
N ASP A 584 -2.68 -13.63 -1.32
CA ASP A 584 -2.04 -14.43 -2.36
C ASP A 584 -2.69 -14.18 -3.72
N TRP A 585 -4.02 -14.17 -3.77
CA TRP A 585 -4.73 -13.96 -5.03
C TRP A 585 -4.38 -12.60 -5.63
N ILE A 586 -4.50 -11.54 -4.84
CA ILE A 586 -4.17 -10.20 -5.33
C ILE A 586 -2.72 -10.16 -5.80
N SER A 587 -1.81 -10.67 -4.98
CA SER A 587 -0.39 -10.58 -5.31
C SER A 587 -0.09 -11.32 -6.61
N GLN A 588 -0.65 -12.51 -6.79
CA GLN A 588 -0.46 -13.23 -8.03
C GLN A 588 -1.12 -12.55 -9.22
N HIS A 589 -2.10 -11.69 -8.99
CA HIS A 589 -2.73 -11.00 -10.11
C HIS A 589 -2.07 -9.67 -10.47
N VAL A 590 -1.43 -8.98 -9.51
CA VAL A 590 -0.90 -7.65 -9.77
C VAL A 590 0.62 -7.64 -9.89
N GLY A 591 1.30 -8.68 -9.44
CA GLY A 591 2.74 -8.63 -9.25
C GLY A 591 3.05 -8.45 -7.78
N ARG A 592 3.74 -9.41 -7.19
CA ARG A 592 3.90 -9.43 -5.74
C ARG A 592 4.70 -8.23 -5.25
N SER A 593 5.77 -7.87 -5.97
CA SER A 593 6.65 -6.82 -5.50
C SER A 593 5.99 -5.44 -5.43
N LEU A 594 4.87 -5.24 -6.11
CA LEU A 594 4.26 -3.92 -6.13
C LEU A 594 3.54 -3.65 -4.81
N ILE A 595 3.02 -4.68 -4.15
CA ILE A 595 2.13 -4.54 -2.99
C ILE A 595 2.71 -5.15 -1.73
N SER A 596 3.88 -5.77 -1.80
CA SER A 596 4.43 -6.52 -0.67
C SER A 596 5.42 -5.67 0.11
N GLN A 597 5.40 -5.84 1.44
CA GLN A 597 6.39 -5.24 2.32
C GLN A 597 7.05 -6.34 3.14
N HIS A 598 8.27 -6.07 3.57
CA HIS A 598 9.01 -6.94 4.48
C HIS A 598 9.16 -8.35 3.89
N ASN A 599 9.78 -8.40 2.70
CA ASN A 599 10.08 -9.63 1.97
C ASN A 599 8.87 -10.57 1.87
N ILE A 600 7.67 -10.03 1.98
CA ILE A 600 6.45 -10.82 1.90
C ILE A 600 5.67 -10.53 0.63
N SER B 89 -21.93 44.08 -21.44
CA SER B 89 -20.88 44.98 -20.99
C SER B 89 -20.05 44.35 -19.87
N TYR B 90 -18.75 44.64 -19.86
CA TYR B 90 -17.87 44.11 -18.84
C TYR B 90 -18.23 44.64 -17.47
N ASN B 91 -18.36 43.73 -16.50
CA ASN B 91 -18.53 44.09 -15.10
C ASN B 91 -17.96 42.94 -14.27
N LYS B 92 -16.70 43.07 -13.87
CA LYS B 92 -16.07 42.02 -13.06
C LYS B 92 -16.68 41.91 -11.68
N ASP B 93 -17.36 42.95 -11.21
CA ASP B 93 -18.00 42.87 -9.90
C ASP B 93 -19.34 42.15 -9.94
N ALA B 94 -19.92 41.97 -11.13
CA ALA B 94 -21.18 41.25 -11.29
C ALA B 94 -21.12 40.48 -12.60
N VAL B 95 -20.72 39.20 -12.51
CA VAL B 95 -20.60 38.33 -13.67
C VAL B 95 -21.64 37.22 -13.55
N PHE B 96 -22.27 36.89 -14.67
CA PHE B 96 -23.35 35.92 -14.67
C PHE B 96 -22.81 34.52 -14.48
N THR B 97 -23.52 33.72 -13.68
CA THR B 97 -23.19 32.32 -13.45
C THR B 97 -24.43 31.62 -12.94
N TYR B 98 -24.29 30.36 -12.53
CA TYR B 98 -25.37 29.59 -11.96
C TYR B 98 -24.91 28.92 -10.68
N GLU B 99 -25.70 29.10 -9.62
CA GLU B 99 -25.49 28.40 -8.36
C GLU B 99 -26.44 27.22 -8.32
N LEU B 100 -25.90 26.00 -8.33
CA LEU B 100 -26.69 24.78 -8.37
C LEU B 100 -26.60 24.12 -7.01
N ILE B 101 -27.72 24.05 -6.30
CA ILE B 101 -27.79 23.39 -5.01
C ILE B 101 -28.52 22.07 -5.18
N ALA B 102 -27.91 20.99 -4.69
CA ALA B 102 -28.49 19.67 -4.81
C ALA B 102 -29.77 19.56 -3.99
N ASN B 103 -30.64 18.66 -4.40
CA ASN B 103 -31.86 18.41 -3.64
C ASN B 103 -31.50 17.63 -2.40
N PRO B 104 -31.72 18.19 -1.20
CA PRO B 104 -31.30 17.48 0.03
C PRO B 104 -31.93 16.12 0.19
N ASP B 105 -33.22 15.98 -0.12
CA ASP B 105 -33.93 14.72 0.05
C ASP B 105 -34.21 14.03 -1.28
N ALA B 106 -33.39 14.32 -2.30
CA ALA B 106 -33.57 13.67 -3.60
C ALA B 106 -33.55 12.16 -3.44
N ASP B 107 -34.57 11.50 -3.97
CA ASP B 107 -34.58 10.05 -3.93
C ASP B 107 -33.81 9.49 -5.13
N TYR B 108 -33.54 8.20 -5.08
CA TYR B 108 -32.74 7.53 -6.09
C TYR B 108 -33.64 7.16 -7.26
N SER B 109 -33.63 8.01 -8.29
CA SER B 109 -34.37 7.84 -9.53
C SER B 109 -35.89 7.87 -9.34
N ASP B 110 -36.35 8.18 -8.12
CA ASP B 110 -37.79 8.29 -7.89
C ASP B 110 -38.33 9.58 -8.47
N GLN B 111 -37.58 10.67 -8.38
CA GLN B 111 -37.98 11.96 -8.95
C GLN B 111 -36.86 12.50 -9.82
N LYS B 112 -37.23 13.38 -10.74
CA LYS B 112 -36.28 13.97 -11.66
C LYS B 112 -35.60 15.21 -11.10
N LEU B 113 -36.01 15.66 -9.91
CA LEU B 113 -35.40 16.80 -9.24
C LEU B 113 -34.28 16.31 -8.34
N ILE B 114 -33.05 16.71 -8.64
CA ILE B 114 -31.90 16.27 -7.86
C ILE B 114 -31.06 17.47 -7.48
N LEU B 115 -31.33 18.62 -8.08
CA LEU B 115 -30.65 19.85 -7.73
C LEU B 115 -31.50 21.04 -8.12
N LYS B 116 -31.23 22.18 -7.49
CA LYS B 116 -31.97 23.41 -7.74
C LYS B 116 -31.06 24.44 -8.39
N LYS B 117 -31.62 25.24 -9.29
CA LYS B 117 -30.86 26.16 -10.13
C LYS B 117 -31.30 27.59 -9.87
N GLU B 118 -30.34 28.46 -9.60
CA GLU B 118 -30.61 29.88 -9.39
C GLU B 118 -29.54 30.71 -10.08
N ILE B 119 -29.86 31.98 -10.29
CA ILE B 119 -28.95 32.92 -10.93
C ILE B 119 -28.16 33.65 -9.86
N SER B 120 -26.84 33.74 -10.04
CA SER B 120 -25.97 34.40 -9.08
C SER B 120 -24.98 35.27 -9.81
N TYR B 121 -24.45 36.27 -9.11
CA TYR B 121 -23.44 37.18 -9.63
C TYR B 121 -22.31 37.31 -8.62
N ILE B 122 -21.08 37.43 -9.11
CA ILE B 122 -19.89 37.38 -8.27
C ILE B 122 -18.98 38.56 -8.61
N LYS B 123 -18.16 38.93 -7.64
CA LYS B 123 -17.11 39.93 -7.81
C LYS B 123 -15.78 39.19 -7.83
N LEU B 124 -14.94 39.49 -8.81
CA LEU B 124 -13.69 38.79 -9.01
C LEU B 124 -12.51 39.62 -8.51
N ASN B 125 -11.58 38.96 -7.82
CA ASN B 125 -10.34 39.56 -7.40
C ASN B 125 -9.19 39.08 -8.28
N LEU B 126 -8.05 39.76 -8.17
CA LEU B 126 -6.89 39.43 -8.98
C LEU B 126 -6.44 38.00 -8.72
N GLY B 127 -6.12 37.28 -9.79
CA GLY B 127 -5.77 35.88 -9.69
C GLY B 127 -6.99 35.00 -9.89
N ILE B 128 -6.84 33.74 -9.48
CA ILE B 128 -7.96 32.80 -9.57
C ILE B 128 -8.98 33.13 -8.48
N ASN B 129 -10.25 32.94 -8.80
CA ASN B 129 -11.33 33.21 -7.86
C ASN B 129 -12.27 32.01 -7.85
N GLN B 130 -12.58 31.53 -6.64
CA GLN B 130 -13.45 30.37 -6.47
C GLN B 130 -13.97 30.39 -5.06
N ASP B 131 -14.98 29.56 -4.79
CA ASP B 131 -15.67 29.56 -3.51
C ASP B 131 -15.25 28.41 -2.60
N ASN B 132 -15.36 27.17 -3.09
CA ASN B 132 -15.10 25.99 -2.27
C ASN B 132 -13.97 25.19 -2.89
N LYS B 133 -12.91 24.97 -2.12
CA LYS B 133 -11.81 24.13 -2.60
C LYS B 133 -12.22 22.67 -2.75
N ASN B 134 -13.37 22.28 -2.19
CA ASN B 134 -13.85 20.91 -2.25
C ASN B 134 -14.95 20.72 -3.29
N ALA B 135 -15.83 21.71 -3.44
CA ALA B 135 -16.94 21.65 -4.39
C ALA B 135 -17.09 23.02 -5.04
N PRO B 136 -16.19 23.38 -5.96
CA PRO B 136 -16.25 24.71 -6.57
C PRO B 136 -17.40 24.80 -7.57
N SER B 137 -18.23 25.83 -7.40
CA SER B 137 -19.30 26.13 -8.34
C SER B 137 -18.83 26.98 -9.51
N TYR B 138 -17.62 27.52 -9.44
CA TYR B 138 -17.11 28.43 -10.46
C TYR B 138 -15.61 28.58 -10.26
N ILE B 139 -14.87 28.59 -11.37
CA ILE B 139 -13.46 28.93 -11.39
C ILE B 139 -13.28 30.08 -12.36
N PHE B 140 -12.62 31.14 -11.91
CA PHE B 140 -12.37 32.30 -12.76
C PHE B 140 -11.03 32.89 -12.40
N ASN B 141 -10.20 33.13 -13.41
CA ASN B 141 -8.85 33.65 -13.24
C ASN B 141 -8.84 35.06 -13.81
N LEU B 142 -8.62 36.04 -12.95
CA LEU B 142 -8.59 37.45 -13.35
C LEU B 142 -7.14 37.83 -13.63
N LEU B 143 -6.74 37.72 -14.89
CA LEU B 143 -5.40 38.16 -15.30
C LEU B 143 -5.26 39.66 -15.13
N ASP B 144 -6.31 40.41 -15.46
CA ASP B 144 -6.28 41.86 -15.44
C ASP B 144 -7.69 42.37 -15.27
N ASP B 145 -7.81 43.64 -14.89
CA ASP B 145 -9.12 44.27 -14.78
C ASP B 145 -9.87 44.26 -16.10
N ASN B 146 -9.16 44.15 -17.23
CA ASN B 146 -9.79 44.23 -18.54
C ASN B 146 -10.34 42.91 -19.07
N VAL B 147 -10.02 41.78 -18.44
CA VAL B 147 -10.35 40.45 -18.98
C VAL B 147 -10.34 39.43 -17.86
N TYR B 148 -11.21 38.43 -17.99
CA TYR B 148 -11.22 37.27 -17.12
C TYR B 148 -11.72 36.10 -17.94
N TYR B 149 -11.48 34.89 -17.44
CA TYR B 149 -11.96 33.70 -18.10
C TYR B 149 -12.20 32.61 -17.06
N GLY B 150 -13.03 31.64 -17.43
CA GLY B 150 -13.37 30.58 -16.51
C GLY B 150 -14.57 29.81 -17.01
N PHE B 151 -15.24 29.14 -16.06
CA PHE B 151 -16.43 28.37 -16.39
C PHE B 151 -17.37 28.36 -15.20
N TYR B 152 -18.64 28.09 -15.49
CA TYR B 152 -19.67 27.90 -14.48
C TYR B 152 -20.45 26.65 -14.81
N ARG B 153 -20.82 25.89 -13.79
CA ARG B 153 -21.54 24.65 -14.01
C ARG B 153 -22.98 24.93 -14.40
N ASP B 154 -23.47 24.19 -15.40
CA ASP B 154 -24.82 24.39 -15.90
C ASP B 154 -25.41 23.07 -16.37
N THR B 155 -26.73 23.00 -16.38
CA THR B 155 -27.46 21.81 -16.77
C THR B 155 -28.54 22.21 -17.77
N GLN B 156 -28.92 21.25 -18.62
CA GLN B 156 -30.00 21.49 -19.58
C GLN B 156 -31.09 20.45 -19.46
N ASP B 157 -30.73 19.21 -19.12
CA ASP B 157 -31.69 18.14 -18.95
C ASP B 157 -32.17 17.99 -17.51
N MET B 158 -31.68 18.81 -16.59
CA MET B 158 -32.05 18.78 -15.18
C MET B 158 -31.66 17.45 -14.53
N ASN B 159 -30.85 16.63 -15.20
CA ASN B 159 -30.35 15.39 -14.63
C ASN B 159 -28.87 15.16 -14.81
N ARG B 160 -28.23 15.78 -15.80
CA ARG B 160 -26.79 15.74 -15.97
C ARG B 160 -26.22 17.15 -15.87
N ILE B 161 -24.99 17.24 -15.38
CA ILE B 161 -24.35 18.52 -15.09
C ILE B 161 -23.18 18.70 -16.05
N GLU B 162 -23.06 19.89 -16.63
CA GLU B 162 -22.05 20.19 -17.62
C GLU B 162 -21.36 21.50 -17.26
N ASN B 163 -20.15 21.66 -17.78
CA ASN B 163 -19.38 22.88 -17.60
C ASN B 163 -19.59 23.77 -18.81
N LYS B 164 -19.82 25.06 -18.58
CA LYS B 164 -19.96 26.04 -19.64
C LYS B 164 -18.77 27.00 -19.52
N TYR B 165 -17.80 26.84 -20.40
CA TYR B 165 -16.61 27.67 -20.41
C TYR B 165 -16.89 28.96 -21.16
N THR B 166 -16.53 30.09 -20.56
CA THR B 166 -16.81 31.39 -21.15
C THR B 166 -15.71 32.38 -20.78
N TYR B 167 -15.58 33.42 -21.58
CA TYR B 167 -14.62 34.49 -21.33
C TYR B 167 -15.27 35.83 -21.66
N ALA B 168 -14.70 36.89 -21.09
CA ALA B 168 -15.16 38.23 -21.38
C ALA B 168 -13.98 39.19 -21.35
N PHE B 169 -14.10 40.29 -22.09
CA PHE B 169 -13.03 41.28 -22.16
C PHE B 169 -13.65 42.64 -22.38
N LYS B 170 -12.93 43.68 -21.96
CA LYS B 170 -13.40 45.04 -22.15
C LYS B 170 -13.37 45.41 -23.62
N LYS B 171 -14.48 45.99 -24.11
CA LYS B 171 -14.59 46.30 -25.53
C LYS B 171 -13.55 47.31 -25.97
N GLU B 172 -13.32 48.36 -25.16
CA GLU B 172 -12.32 49.36 -25.51
C GLU B 172 -10.90 48.84 -25.31
N ALA B 173 -10.71 47.81 -24.49
CA ALA B 173 -9.39 47.24 -24.27
C ALA B 173 -8.95 46.30 -25.37
N GLU B 174 -9.86 45.86 -26.24
CA GLU B 174 -9.48 45.00 -27.35
C GLU B 174 -8.70 45.82 -28.38
N ASN B 175 -7.62 45.23 -28.88
CA ASN B 175 -6.69 45.92 -29.77
C ASN B 175 -6.97 45.54 -31.21
N PHE B 176 -7.21 46.55 -32.05
CA PHE B 176 -7.48 46.35 -33.47
C PHE B 176 -6.28 46.70 -34.35
N ASP B 177 -5.08 46.62 -33.80
CA ASP B 177 -3.88 46.99 -34.55
C ASP B 177 -3.55 45.93 -35.59
N ASN B 178 -2.72 46.33 -36.56
CA ASN B 178 -2.23 45.39 -37.56
C ASN B 178 -1.21 44.44 -36.93
N LEU B 179 -1.30 43.14 -37.28
CA LEU B 179 -0.39 42.16 -36.73
C LEU B 179 0.24 41.24 -37.78
N GLN B 180 0.20 41.60 -39.07
CA GLN B 180 0.77 40.73 -40.08
C GLN B 180 2.27 40.56 -39.89
N LYS B 181 2.94 41.57 -39.29
CA LYS B 181 4.37 41.54 -39.06
C LYS B 181 4.70 41.51 -37.57
N PHE B 182 3.76 41.05 -36.74
CA PHE B 182 3.90 41.07 -35.29
C PHE B 182 4.59 39.81 -34.79
N ASN B 183 5.60 39.99 -33.93
CA ASN B 183 6.43 38.92 -33.41
C ASN B 183 6.40 38.94 -31.88
N ALA B 184 6.08 37.79 -31.27
CA ALA B 184 6.08 37.66 -29.82
C ALA B 184 5.98 36.19 -29.46
N THR B 185 6.23 35.90 -28.18
CA THR B 185 6.03 34.59 -27.60
C THR B 185 5.09 34.73 -26.40
N TYR B 186 4.11 33.85 -26.30
CA TYR B 186 3.04 33.97 -25.33
C TYR B 186 2.96 32.72 -24.46
N GLU B 187 2.64 32.91 -23.17
CA GLU B 187 2.42 31.83 -22.22
C GLU B 187 1.01 31.93 -21.65
N GLY B 188 0.47 30.81 -21.19
CA GLY B 188 -0.86 30.82 -20.64
C GLY B 188 -1.37 29.43 -20.31
N GLN B 189 -2.69 29.33 -20.18
CA GLN B 189 -3.35 28.13 -19.70
C GLN B 189 -4.55 27.81 -20.58
N PHE B 190 -4.94 26.53 -20.58
CA PHE B 190 -6.05 26.04 -21.39
C PHE B 190 -6.90 25.10 -20.55
N TRP B 191 -8.10 25.53 -20.20
CA TRP B 191 -9.06 24.70 -19.48
C TRP B 191 -10.07 24.12 -20.46
N PHE B 192 -10.42 22.85 -20.25
CA PHE B 192 -11.35 22.16 -21.15
C PHE B 192 -11.97 20.98 -20.41
N SER B 193 -13.04 20.46 -21.00
CA SER B 193 -13.68 19.24 -20.52
C SER B 193 -14.13 18.42 -21.73
N SER B 194 -14.31 17.12 -21.51
CA SER B 194 -14.69 16.20 -22.56
C SER B 194 -16.18 15.85 -22.45
N ILE B 195 -16.67 15.17 -23.49
CA ILE B 195 -18.09 14.82 -23.54
C ILE B 195 -18.45 13.82 -22.45
N ASP B 196 -17.61 12.80 -22.26
CA ASP B 196 -17.93 11.75 -21.28
C ASP B 196 -17.84 12.25 -19.84
N THR B 197 -17.06 13.30 -19.59
CA THR B 197 -16.95 13.90 -18.26
C THR B 197 -17.15 15.40 -18.38
N PRO B 198 -18.38 15.84 -18.68
CA PRO B 198 -18.60 17.27 -18.90
C PRO B 198 -18.40 18.13 -17.66
N ASN B 199 -18.60 17.57 -16.47
CA ASN B 199 -18.51 18.35 -15.24
C ASN B 199 -17.10 18.47 -14.69
N VAL B 200 -16.14 17.73 -15.23
CA VAL B 200 -14.78 17.72 -14.71
C VAL B 200 -13.95 18.72 -15.52
N PRO B 201 -13.45 19.78 -14.90
CA PRO B 201 -12.55 20.69 -15.62
C PRO B 201 -11.14 20.11 -15.66
N THR B 202 -10.50 20.25 -16.82
CA THR B 202 -9.16 19.73 -17.04
C THR B 202 -8.22 20.86 -17.41
N VAL B 203 -7.05 20.88 -16.80
CA VAL B 203 -6.07 21.94 -16.98
C VAL B 203 -5.01 21.49 -17.97
N ALA B 204 -4.46 22.45 -18.70
CA ALA B 204 -3.38 22.18 -19.63
C ALA B 204 -2.52 23.43 -19.80
N ARG B 205 -1.26 23.22 -20.10
CA ARG B 205 -0.34 24.31 -20.39
C ARG B 205 -0.35 24.62 -21.87
N ALA B 206 -0.25 25.90 -22.22
CA ALA B 206 -0.24 26.34 -23.60
C ALA B 206 0.98 27.22 -23.86
N PHE B 207 1.62 26.99 -25.00
CA PHE B 207 2.78 27.75 -25.44
C PHE B 207 2.50 28.32 -26.82
N LEU B 208 2.76 29.62 -26.99
CA LEU B 208 2.42 30.32 -28.22
C LEU B 208 3.63 31.09 -28.71
N THR B 209 3.70 31.27 -30.03
CA THR B 209 4.82 31.97 -30.65
C THR B 209 4.36 32.60 -31.95
N TYR B 210 4.63 33.90 -32.10
CA TYR B 210 4.33 34.64 -33.32
C TYR B 210 5.64 35.11 -33.93
N ASN B 211 5.83 34.86 -35.23
CA ASN B 211 6.96 35.42 -35.97
C ASN B 211 6.44 35.93 -37.31
N ASN B 212 6.38 37.26 -37.44
CA ASN B 212 5.98 37.91 -38.69
C ASN B 212 4.63 37.41 -39.18
N GLY B 213 3.68 37.29 -38.26
CA GLY B 213 2.34 36.86 -38.63
C GLY B 213 2.16 35.37 -38.71
N ARG B 214 3.21 34.59 -38.47
CA ARG B 214 3.14 33.13 -38.50
C ARG B 214 3.07 32.63 -37.07
N VAL B 215 2.12 31.73 -36.80
CA VAL B 215 1.81 31.30 -35.45
C VAL B 215 2.12 29.82 -35.31
N ASP B 216 2.78 29.48 -34.21
CA ASP B 216 3.10 28.11 -33.86
C ASP B 216 3.21 28.01 -32.35
N GLY B 217 3.07 26.79 -31.85
CA GLY B 217 3.16 26.58 -30.42
C GLY B 217 2.94 25.12 -30.08
N GLU B 218 2.73 24.86 -28.79
CA GLU B 218 2.56 23.49 -28.35
C GLU B 218 1.80 23.49 -27.02
N ILE B 219 1.03 22.42 -26.80
CA ILE B 219 0.21 22.25 -25.61
C ILE B 219 0.71 21.04 -24.84
N LEU B 220 0.85 21.19 -23.53
CA LEU B 220 1.29 20.10 -22.67
C LEU B 220 0.31 19.92 -21.53
N ALA B 221 0.31 18.70 -20.97
CA ALA B 221 -0.49 18.40 -19.80
C ALA B 221 0.19 18.98 -18.56
N LYS B 222 -0.55 18.96 -17.44
CA LYS B 222 -0.04 19.57 -16.22
C LYS B 222 1.18 18.82 -15.70
N HIS B 223 1.11 17.49 -15.64
CA HIS B 223 2.12 16.70 -14.96
C HIS B 223 3.07 15.95 -15.89
N TRP B 224 2.76 15.85 -17.18
CA TRP B 224 3.59 15.08 -18.09
C TRP B 224 3.74 15.82 -19.40
N ASN B 225 4.76 15.45 -20.17
CA ASN B 225 5.11 16.14 -21.41
C ASN B 225 4.64 15.36 -22.64
N GLU B 226 3.33 15.21 -22.79
CA GLU B 226 2.77 14.68 -24.03
C GLU B 226 2.21 15.82 -24.87
N LYS B 227 2.39 15.71 -26.19
CA LYS B 227 1.85 16.66 -27.14
C LYS B 227 0.36 16.40 -27.32
N LEU B 228 -0.48 17.32 -26.86
CA LEU B 228 -1.93 17.17 -26.98
C LEU B 228 -2.50 17.88 -28.20
N PHE B 229 -2.14 19.14 -28.44
CA PHE B 229 -2.73 19.92 -29.52
C PHE B 229 -1.64 20.69 -30.24
N GLN B 230 -1.96 21.12 -31.47
CA GLN B 230 -1.07 21.90 -32.31
C GLN B 230 -1.75 23.20 -32.69
N ILE B 231 -1.07 24.31 -32.49
CA ILE B 231 -1.50 25.60 -33.01
C ILE B 231 -0.89 25.82 -34.39
N THR B 232 -1.74 25.86 -35.41
CA THR B 232 -1.39 26.24 -36.76
C THR B 232 -2.39 27.26 -37.26
N GLY B 233 -1.91 28.40 -37.74
CA GLY B 233 -2.77 29.52 -38.09
C GLY B 233 -3.17 29.55 -39.55
N PHE B 234 -3.92 30.59 -39.91
CA PHE B 234 -4.28 30.89 -41.29
C PHE B 234 -3.45 32.07 -41.78
N ASP B 235 -2.98 31.96 -43.02
CA ASP B 235 -2.03 32.95 -43.53
C ASP B 235 -2.64 34.35 -43.58
N ASN B 236 -3.95 34.44 -43.80
CA ASN B 236 -4.63 35.71 -43.97
C ASN B 236 -5.47 36.09 -42.75
N ASN B 237 -5.26 35.43 -41.62
CA ASN B 237 -6.01 35.75 -40.41
C ASN B 237 -5.26 35.33 -39.15
N PRO B 238 -4.34 36.16 -38.66
CA PRO B 238 -3.68 35.84 -37.38
C PRO B 238 -4.66 35.74 -36.24
N ARG B 239 -5.79 36.43 -36.34
CA ARG B 239 -6.83 36.38 -35.31
C ARG B 239 -7.55 35.04 -35.28
N LYS B 240 -7.39 34.22 -36.32
CA LYS B 240 -8.07 32.94 -36.43
C LYS B 240 -7.06 31.80 -36.47
N VAL B 241 -7.35 30.73 -35.71
CA VAL B 241 -6.44 29.61 -35.55
C VAL B 241 -7.23 28.32 -35.62
N GLU B 242 -6.67 27.31 -36.29
CA GLU B 242 -7.22 25.96 -36.27
C GLU B 242 -6.42 25.11 -35.29
N ILE B 243 -7.12 24.30 -34.50
CA ILE B 243 -6.51 23.47 -33.46
C ILE B 243 -6.90 22.03 -33.72
N PHE B 244 -5.93 21.12 -33.72
CA PHE B 244 -6.27 19.72 -33.86
C PHE B 244 -5.57 18.89 -32.79
N PRO B 245 -6.22 17.83 -32.31
CA PRO B 245 -5.61 16.98 -31.30
C PRO B 245 -4.53 16.09 -31.88
N THR B 246 -3.67 15.58 -31.00
CA THR B 246 -2.58 14.72 -31.38
C THR B 246 -2.51 13.43 -30.58
N VAL B 247 -3.48 13.16 -29.69
CA VAL B 247 -3.49 11.94 -28.90
C VAL B 247 -4.84 11.28 -29.07
N GLU B 248 -4.86 9.96 -28.84
CA GLU B 248 -6.08 9.19 -29.04
C GLU B 248 -7.09 9.45 -27.93
N TYR B 249 -6.61 9.64 -26.70
CA TYR B 249 -7.47 9.80 -25.53
C TYR B 249 -6.98 11.00 -24.73
N LEU B 250 -7.83 12.02 -24.61
CA LEU B 250 -7.52 13.18 -23.81
C LEU B 250 -7.49 12.81 -22.33
N PRO B 251 -6.74 13.57 -21.51
CA PRO B 251 -6.78 13.33 -20.06
C PRO B 251 -8.19 13.51 -19.53
N ASN B 252 -8.54 12.69 -18.53
CA ASN B 252 -9.86 12.70 -17.91
C ASN B 252 -10.96 12.40 -18.90
N SER B 253 -10.64 11.65 -19.96
CA SER B 253 -11.59 11.32 -21.00
C SER B 253 -11.42 9.88 -21.44
N GLY B 254 -12.54 9.20 -21.69
CA GLY B 254 -12.54 7.88 -22.27
C GLY B 254 -12.85 7.83 -23.75
N THR B 255 -13.12 8.99 -24.36
CA THR B 255 -13.50 9.05 -25.76
C THR B 255 -12.26 8.94 -26.65
N ARG B 256 -12.35 8.11 -27.69
CA ARG B 256 -11.28 8.00 -28.68
C ARG B 256 -11.31 9.20 -29.62
N LEU B 257 -10.14 9.70 -29.97
CA LEU B 257 -10.00 10.82 -30.89
C LEU B 257 -9.11 10.44 -32.06
N THR B 258 -9.26 11.16 -33.16
CA THR B 258 -8.44 10.99 -34.35
C THR B 258 -7.32 12.00 -34.35
N LYS B 259 -6.11 11.54 -34.69
CA LYS B 259 -4.94 12.40 -34.72
C LYS B 259 -4.79 13.03 -36.10
N GLY B 260 -3.76 13.86 -36.25
CA GLY B 260 -3.41 14.42 -37.54
C GLY B 260 -4.11 15.75 -37.82
N ALA B 261 -3.54 16.49 -38.76
CA ALA B 261 -4.13 17.75 -39.19
C ALA B 261 -5.44 17.57 -39.93
N THR B 262 -5.69 16.38 -40.47
CA THR B 262 -6.92 16.09 -41.21
C THR B 262 -8.00 15.50 -40.32
N SER B 263 -7.78 15.46 -39.01
CA SER B 263 -8.74 14.84 -38.11
C SER B 263 -10.07 15.60 -38.12
N PRO B 264 -11.20 14.90 -38.03
CA PRO B 264 -12.49 15.59 -38.00
C PRO B 264 -12.78 16.31 -36.70
N HIS B 265 -11.86 16.27 -35.73
CA HIS B 265 -12.05 16.89 -34.43
C HIS B 265 -11.37 18.25 -34.34
N ARG B 266 -11.13 18.90 -35.48
CA ARG B 266 -10.60 20.24 -35.48
C ARG B 266 -11.67 21.23 -35.04
N PHE B 267 -11.22 22.44 -34.67
CA PHE B 267 -12.14 23.53 -34.38
C PHE B 267 -11.37 24.84 -34.53
N GLN B 268 -12.14 25.91 -34.75
CA GLN B 268 -11.53 27.19 -35.03
C GLN B 268 -11.34 27.96 -33.73
N MET B 269 -10.35 28.85 -33.74
CA MET B 269 -9.98 29.64 -32.57
C MET B 269 -10.08 31.11 -32.90
N ASP B 270 -10.87 31.85 -32.13
CA ASP B 270 -10.94 33.30 -32.26
C ASP B 270 -10.11 33.92 -31.15
N LEU B 271 -9.08 34.67 -31.53
CA LEU B 271 -8.14 35.27 -30.60
C LEU B 271 -8.39 36.76 -30.49
N HIS B 272 -8.51 37.26 -29.26
CA HIS B 272 -8.72 38.67 -28.99
C HIS B 272 -7.47 39.25 -28.33
N PHE B 273 -6.89 40.27 -28.95
CA PHE B 273 -5.68 40.91 -28.43
C PHE B 273 -6.09 41.95 -27.38
N ILE B 274 -5.54 41.80 -26.18
CA ILE B 274 -5.93 42.60 -25.03
C ILE B 274 -4.74 43.40 -24.52
N ASN B 275 -4.93 44.71 -24.37
CA ASN B 275 -3.95 45.57 -23.75
C ASN B 275 -4.26 45.68 -22.26
N SER B 276 -3.24 45.52 -21.43
CA SER B 276 -3.43 45.56 -19.99
C SER B 276 -3.67 46.98 -19.51
N THR B 277 -4.21 47.09 -18.29
CA THR B 277 -4.56 48.41 -17.73
C THR B 277 -3.33 49.29 -17.53
N ASN B 278 -2.16 48.68 -17.32
CA ASN B 278 -0.96 49.46 -17.08
C ASN B 278 -0.41 50.10 -18.34
N GLY B 279 -1.00 49.80 -19.50
CA GLY B 279 -0.58 50.38 -20.76
C GLY B 279 0.23 49.47 -21.66
N GLU B 280 0.50 48.24 -21.23
CA GLU B 280 1.22 47.30 -22.08
C GLU B 280 0.31 46.83 -23.22
N LYS B 281 0.84 46.86 -24.44
CA LYS B 281 0.03 46.59 -25.63
C LYS B 281 0.00 45.10 -25.91
N ASN B 282 -1.20 44.58 -26.18
CA ASN B 282 -1.40 43.16 -26.49
C ASN B 282 -0.85 42.27 -25.38
N LYS B 283 -1.11 42.65 -24.13
CA LYS B 283 -0.54 41.93 -23.00
C LYS B 283 -1.15 40.53 -22.86
N TYR B 284 -2.43 40.38 -23.17
CA TYR B 284 -3.11 39.10 -22.98
C TYR B 284 -3.88 38.71 -24.22
N LEU B 285 -4.00 37.40 -24.43
CA LEU B 285 -4.77 36.81 -25.51
C LEU B 285 -5.83 35.89 -24.92
N VAL B 286 -7.04 35.98 -25.43
CA VAL B 286 -8.12 35.14 -24.95
C VAL B 286 -8.89 34.58 -26.14
N GLY B 287 -9.51 33.42 -25.94
CA GLY B 287 -10.35 32.84 -26.96
C GLY B 287 -10.91 31.52 -26.46
N GLN B 288 -12.04 31.13 -27.05
CA GLN B 288 -12.72 29.91 -26.67
C GLN B 288 -13.12 29.14 -27.93
N GLY B 289 -13.04 27.81 -27.83
CA GLY B 289 -13.42 26.95 -28.92
C GLY B 289 -14.15 25.73 -28.37
N SER B 290 -14.91 25.08 -29.24
CA SER B 290 -15.75 23.98 -28.80
C SER B 290 -15.99 22.99 -29.92
N THR B 291 -15.90 21.71 -29.59
CA THR B 291 -16.33 20.60 -30.41
C THR B 291 -17.35 19.78 -29.63
N GLU B 292 -18.01 18.85 -30.33
CA GLU B 292 -18.98 18.00 -29.65
C GLU B 292 -18.30 16.97 -28.75
N GLN B 293 -16.99 16.77 -28.89
CA GLN B 293 -16.24 15.92 -27.98
C GLN B 293 -15.58 16.70 -26.85
N TYR B 294 -15.18 17.95 -27.09
CA TYR B 294 -14.52 18.73 -26.06
C TYR B 294 -14.71 20.21 -26.33
N TRP B 295 -14.61 21.01 -25.27
CA TRP B 295 -14.83 22.44 -25.36
C TRP B 295 -14.03 23.14 -24.26
N GLY B 296 -13.57 24.34 -24.56
CA GLY B 296 -12.78 25.07 -23.58
C GLY B 296 -12.50 26.50 -24.01
N VAL B 297 -11.76 27.20 -23.15
CA VAL B 297 -11.31 28.56 -23.40
C VAL B 297 -9.80 28.60 -23.28
N LEU B 298 -9.19 29.49 -24.04
CA LEU B 298 -7.74 29.68 -24.02
C LEU B 298 -7.44 30.95 -23.22
N GLY B 299 -6.57 30.81 -22.23
CA GLY B 299 -6.12 31.96 -21.47
C GLY B 299 -4.63 32.13 -21.71
N MET B 300 -4.26 33.25 -22.34
CA MET B 300 -2.93 33.42 -22.88
C MET B 300 -2.39 34.74 -22.36
N GLU B 301 -1.06 34.83 -22.25
CA GLU B 301 -0.45 36.07 -21.76
C GLU B 301 0.91 36.27 -22.41
N LYS B 302 1.30 37.54 -22.54
CA LYS B 302 2.55 37.89 -23.21
C LYS B 302 3.72 37.74 -22.25
N LYS B 303 4.73 36.99 -22.68
CA LYS B 303 5.98 36.88 -21.93
C LYS B 303 6.99 37.93 -22.38
N GLN B 304 7.28 37.97 -23.67
CA GLN B 304 8.16 38.99 -24.22
C GLN B 304 7.59 39.57 -25.52
C1 NAG C . -23.36 -20.63 -4.00
C2 NAG C . -23.24 -21.83 -4.94
C3 NAG C . -24.53 -22.65 -4.92
C4 NAG C . -24.94 -23.00 -3.50
C5 NAG C . -24.98 -21.75 -2.63
C6 NAG C . -25.24 -22.03 -1.17
C7 NAG C . -21.67 -21.14 -6.70
C8 NAG C . -21.53 -20.71 -8.13
N2 NAG C . -22.92 -21.41 -6.29
O3 NAG C . -24.35 -23.84 -5.69
O4 NAG C . -26.23 -23.61 -3.51
O5 NAG C . -23.71 -21.08 -2.70
O6 NAG C . -24.42 -23.09 -0.69
O7 NAG C . -20.71 -21.23 -5.95
C1 NAG C . -26.21 -24.91 -2.88
C2 NAG C . -27.24 -25.81 -3.58
C3 NAG C . -27.24 -27.19 -2.94
C4 NAG C . -25.82 -27.77 -2.93
C5 NAG C . -24.85 -26.79 -2.28
C6 NAG C . -23.42 -27.26 -2.34
C7 NAG C . -29.01 -24.32 -4.42
C8 NAG C . -30.40 -23.83 -4.21
N2 NAG C . -28.56 -25.22 -3.52
O3 NAG C . -28.11 -28.05 -3.67
O4 NAG C . -25.81 -29.00 -2.21
O5 NAG C . -24.91 -25.53 -2.94
O6 NAG C . -23.30 -28.64 -2.02
O7 NAG C . -28.31 -23.95 -5.36
C1 NAG D . -19.45 -17.67 18.60
C2 NAG D . -19.35 -18.29 19.98
C3 NAG D . -19.69 -19.78 19.92
C4 NAG D . -21.05 -19.98 19.28
C5 NAG D . -21.10 -19.30 17.92
C6 NAG D . -22.46 -19.35 17.27
C7 NAG D . -17.78 -17.22 21.54
C8 NAG D . -18.95 -16.44 22.04
N2 NAG D . -18.02 -18.09 20.56
O3 NAG D . -19.69 -20.32 21.24
O4 NAG D . -21.31 -21.37 19.11
O5 NAG D . -20.76 -17.90 18.05
O6 NAG D . -23.03 -20.64 17.39
O7 NAG D . -16.65 -17.07 22.01
C1 NAG E . -1.14 8.28 15.11
C2 NAG E . -1.30 7.17 16.16
C3 NAG E . -1.54 7.78 17.55
C4 NAG E . -0.46 8.80 17.88
C5 NAG E . -0.37 9.85 16.78
C6 NAG E . 0.73 10.85 17.00
C7 NAG E . -2.35 4.95 16.09
C8 NAG E . -3.54 4.16 15.65
N2 NAG E . -2.37 6.26 15.81
O3 NAG E . -1.55 6.75 18.52
O4 NAG E . -0.76 9.43 19.11
O5 NAG E . -0.12 9.21 15.52
O6 NAG E . 0.96 11.07 18.38
O7 NAG E . -1.40 4.43 16.66
C1 NAG F . 26.80 -2.16 -2.29
C2 NAG F . 26.32 -0.84 -1.69
C3 NAG F . 26.29 0.27 -2.75
C4 NAG F . 27.62 0.32 -3.51
C5 NAG F . 27.98 -1.06 -4.02
C6 NAG F . 29.32 -1.10 -4.71
C7 NAG F . 24.84 -1.18 0.24
C8 NAG F . 23.43 -1.31 0.70
N2 NAG F . 25.01 -0.99 -1.08
O3 NAG F . 26.02 1.52 -2.13
O4 NAG F . 27.51 1.22 -4.60
O5 NAG F . 28.06 -1.97 -2.92
O6 NAG F . 29.95 0.18 -4.69
O7 NAG F . 25.79 -1.23 1.01
#